data_6C4U
#
_entry.id   6C4U
#
_cell.length_a   70.180
_cell.length_b   72.370
_cell.length_c   280.350
_cell.angle_alpha   90.00
_cell.angle_beta   90.00
_cell.angle_gamma   90.00
#
_symmetry.space_group_name_H-M   'P 2 2 21'
#
loop_
_entity.id
_entity.type
_entity.pdbx_description
1 polymer 'Forkhead-associated 1'
2 polymer 'Myc-pTBD peptide'
3 non-polymer GLYCEROL
4 water water
#
loop_
_entity_poly.entity_id
_entity_poly.type
_entity_poly.pdbx_seq_one_letter_code
_entity_poly.pdbx_strand_id
1 'polypeptide(L)'
;GENIVFRVISTTGQIPIRDFSADISQVLKEKRSIKKVWTFGRNPACDYHLGNILPVSNKHFQILLGEDGNLLLNDISTNG
TWLNGQKVEKNSYQLLSQGDEITVRTDPTGTILSLVIFINDKFKQSLEQNKVDR
;
B,C,D,E,A,F
2 'polypeptide(L)' KLLP(TPO)PPLS G,I,H,J,L,K
#
loop_
_chem_comp.id
_chem_comp.type
_chem_comp.name
_chem_comp.formula
GOL non-polymer GLYCEROL 'C3 H8 O3'
#
# COMPACT_ATOMS: atom_id res chain seq x y z
N GLY A 1 -15.75 15.62 37.30
CA GLY A 1 -14.60 16.59 37.18
C GLY A 1 -14.98 18.01 37.57
N GLU A 2 -14.46 19.05 36.88
CA GLU A 2 -14.90 20.49 37.09
C GLU A 2 -14.38 21.47 35.99
N ASN A 3 -13.07 21.63 35.99
CA ASN A 3 -12.35 22.33 34.92
C ASN A 3 -11.91 21.39 33.76
N ILE A 4 -12.47 20.19 33.78
CA ILE A 4 -11.85 19.06 33.10
C ILE A 4 -12.38 18.98 31.65
N VAL A 5 -11.47 18.88 30.68
CA VAL A 5 -11.88 18.87 29.28
C VAL A 5 -12.28 17.49 28.85
N PHE A 6 -11.42 16.52 29.17
CA PHE A 6 -11.64 15.12 28.83
C PHE A 6 -10.85 14.23 29.76
N ARG A 7 -11.17 12.94 29.68
CA ARG A 7 -10.63 11.94 30.58
C ARG A 7 -10.22 10.71 29.80
N VAL A 8 -9.12 10.10 30.24
CA VAL A 8 -8.50 9.01 29.48
C VAL A 8 -8.40 7.80 30.40
N ILE A 9 -9.01 6.72 29.96
CA ILE A 9 -9.01 5.47 30.66
C ILE A 9 -8.26 4.43 29.87
N SER A 10 -7.23 3.88 30.52
CA SER A 10 -6.38 2.86 29.97
C SER A 10 -6.91 1.50 30.42
N THR A 11 -7.03 0.56 29.48
CA THR A 11 -7.50 -0.77 29.75
C THR A 11 -6.38 -1.59 30.40
N THR A 12 -5.23 -1.64 29.74
CA THR A 12 -3.99 -2.17 30.33
C THR A 12 -3.31 -1.05 31.04
N GLY A 13 -2.21 -1.38 31.71
CA GLY A 13 -1.22 -0.40 32.14
C GLY A 13 -1.39 0.08 33.53
N GLN A 14 -0.31 0.68 34.07
CA GLN A 14 -0.34 1.61 35.25
C GLN A 14 -1.05 2.86 34.79
N ILE A 15 -1.61 3.78 35.54
CA ILE A 15 -2.53 4.83 34.93
C ILE A 15 -3.94 4.46 34.36
N PRO A 16 -4.80 4.03 35.26
CA PRO A 16 -6.14 3.64 34.83
C PRO A 16 -6.90 4.84 34.39
N ILE A 17 -6.89 5.90 35.20
CA ILE A 17 -7.61 7.11 34.85
C ILE A 17 -6.69 8.33 34.95
N ARG A 18 -6.71 9.19 33.92
CA ARG A 18 -6.17 10.54 34.02
C ARG A 18 -7.18 11.53 33.42
N ASP A 19 -7.37 12.64 34.15
CA ASP A 19 -8.13 13.77 33.71
C ASP A 19 -7.18 14.84 33.15
N PHE A 20 -7.65 15.52 32.12
CA PHE A 20 -6.95 16.60 31.47
C PHE A 20 -7.80 17.86 31.50
N SER A 21 -7.28 18.91 32.14
CA SER A 21 -8.03 20.15 32.31
C SER A 21 -7.37 21.31 31.58
N ALA A 22 -8.10 22.43 31.56
CA ALA A 22 -7.62 23.67 30.97
C ALA A 22 -8.36 24.87 31.56
N ASP A 23 -7.62 25.94 31.79
CA ASP A 23 -8.14 27.19 32.31
C ASP A 23 -9.01 27.86 31.24
N ILE A 24 -10.28 28.12 31.53
CA ILE A 24 -11.17 28.73 30.54
C ILE A 24 -10.81 30.20 30.22
N SER A 25 -10.26 30.94 31.20
CA SER A 25 -9.70 32.26 30.93
C SER A 25 -8.66 32.17 29.83
N GLN A 26 -7.58 31.44 30.10
CA GLN A 26 -6.45 31.30 29.17
C GLN A 26 -6.87 30.75 27.79
N VAL A 27 -7.96 29.97 27.75
CA VAL A 27 -8.48 29.43 26.48
C VAL A 27 -9.12 30.52 25.61
N LEU A 28 -9.86 31.43 26.23
CA LEU A 28 -10.48 32.53 25.47
C LEU A 28 -9.45 33.59 25.04
N LYS A 29 -8.48 33.85 25.91
CA LYS A 29 -7.31 34.70 25.60
C LYS A 29 -6.49 34.24 24.39
N GLU A 30 -6.51 32.93 24.10
CA GLU A 30 -5.77 32.40 22.96
C GLU A 30 -6.40 32.87 21.65
N LYS A 31 -5.54 33.36 20.74
CA LYS A 31 -5.97 33.85 19.44
C LYS A 31 -6.18 32.72 18.43
N ARG A 32 -5.31 31.73 18.50
CA ARG A 32 -5.28 30.64 17.53
C ARG A 32 -6.53 29.76 17.58
N SER A 33 -6.89 29.16 16.44
CA SER A 33 -8.01 28.21 16.39
C SER A 33 -7.76 26.92 17.20
N ILE A 34 -6.49 26.59 17.44
CA ILE A 34 -6.09 25.47 18.27
C ILE A 34 -5.75 26.01 19.67
N LYS A 35 -6.65 25.77 20.62
CA LYS A 35 -6.60 26.38 21.94
C LYS A 35 -5.64 25.70 22.88
N LYS A 36 -5.48 24.39 22.74
CA LYS A 36 -4.57 23.64 23.60
C LYS A 36 -4.17 22.33 22.94
N VAL A 37 -2.95 21.87 23.27
CA VAL A 37 -2.48 20.59 22.74
C VAL A 37 -1.91 19.69 23.83
N TRP A 38 -2.35 18.45 23.84
CA TRP A 38 -1.79 17.43 24.71
C TRP A 38 -1.10 16.40 23.84
N THR A 39 0.09 15.99 24.24
CA THR A 39 0.83 14.95 23.51
C THR A 39 0.95 13.69 24.32
N PHE A 40 0.98 12.59 23.59
CA PHE A 40 0.97 11.24 24.14
C PHE A 40 2.18 10.56 23.51
N GLY A 41 3.07 10.02 24.32
CA GLY A 41 4.22 9.31 23.75
C GLY A 41 5.15 8.62 24.73
N ARG A 42 6.15 7.97 24.16
CA ARG A 42 7.19 7.28 24.94
C ARG A 42 8.04 8.24 25.78
N ASN A 43 8.21 9.46 25.26
CA ASN A 43 9.03 10.46 25.92
C ASN A 43 8.22 11.01 27.09
N PRO A 44 8.74 10.88 28.32
CA PRO A 44 8.00 11.37 29.49
C PRO A 44 7.81 12.88 29.56
N ALA A 45 8.46 13.62 28.66
CA ALA A 45 8.14 15.04 28.45
C ALA A 45 6.71 15.27 28.02
N CYS A 46 6.11 14.26 27.38
CA CYS A 46 4.71 14.32 26.96
C CYS A 46 3.74 14.56 28.09
N ASP A 47 2.53 14.95 27.75
CA ASP A 47 1.49 15.15 28.75
C ASP A 47 1.03 13.83 29.33
N TYR A 48 0.95 12.79 28.50
CA TYR A 48 0.59 11.43 28.93
C TYR A 48 1.72 10.52 28.53
N HIS A 49 2.35 9.88 29.50
CA HIS A 49 3.44 8.98 29.20
C HIS A 49 2.83 7.63 28.86
N LEU A 50 2.98 7.21 27.60
CA LEU A 50 2.53 5.89 27.18
C LEU A 50 3.43 4.76 27.67
N GLY A 51 4.59 5.11 28.25
CA GLY A 51 5.51 4.14 28.83
C GLY A 51 6.71 3.96 27.93
N ASN A 52 7.78 3.38 28.47
CA ASN A 52 9.04 3.25 27.74
C ASN A 52 9.03 2.02 26.81
N ILE A 53 8.03 1.97 25.94
CA ILE A 53 7.77 0.88 25.01
C ILE A 53 8.34 1.33 23.66
N LEU A 54 9.35 0.63 23.15
CA LEU A 54 10.19 1.20 22.08
C LEU A 54 9.45 1.48 20.76
N PRO A 55 8.55 0.58 20.33
CA PRO A 55 7.78 0.86 19.09
C PRO A 55 6.72 1.97 19.20
N VAL A 56 6.51 2.48 20.41
CA VAL A 56 5.75 3.69 20.59
C VAL A 56 6.71 4.84 20.32
N SER A 57 6.34 5.70 19.38
CA SER A 57 7.06 6.93 19.09
C SER A 57 7.16 7.86 20.30
N ASN A 58 8.25 8.61 20.37
CA ASN A 58 8.50 9.55 21.48
C ASN A 58 7.38 10.55 21.63
N LYS A 59 6.95 11.10 20.50
CA LYS A 59 5.72 11.83 20.41
C LYS A 59 4.89 11.08 19.37
N HIS A 60 3.86 10.39 19.86
CA HIS A 60 3.13 9.43 19.08
C HIS A 60 1.82 9.99 18.52
N PHE A 61 1.05 10.66 19.35
CA PHE A 61 -0.13 11.37 18.84
C PHE A 61 -0.44 12.56 19.73
N GLN A 62 -1.23 13.48 19.20
CA GLN A 62 -1.64 14.67 19.94
C GLN A 62 -3.14 14.73 19.92
N ILE A 63 -3.69 15.36 20.96
CA ILE A 63 -5.10 15.69 21.00
C ILE A 63 -5.17 17.20 21.06
N LEU A 64 -5.98 17.78 20.19
CA LEU A 64 -6.05 19.22 20.05
C LEU A 64 -7.41 19.70 20.51
N LEU A 65 -7.41 20.74 21.33
CA LEU A 65 -8.67 21.40 21.69
C LEU A 65 -8.94 22.50 20.65
N GLY A 66 -10.00 22.31 19.87
CA GLY A 66 -10.44 23.30 18.89
C GLY A 66 -11.15 24.52 19.48
N GLU A 67 -11.36 25.53 18.63
CA GLU A 67 -12.11 26.74 18.99
C GLU A 67 -13.56 26.38 19.34
N ASP A 68 -14.14 25.45 18.57
CA ASP A 68 -15.49 24.95 18.83
C ASP A 68 -15.73 24.23 20.17
N GLY A 69 -14.66 23.92 20.91
CA GLY A 69 -14.73 23.10 22.13
C GLY A 69 -14.57 21.60 21.88
N ASN A 70 -14.34 21.19 20.64
CA ASN A 70 -14.18 19.77 20.27
C ASN A 70 -12.73 19.35 20.23
N LEU A 71 -12.50 18.05 20.18
CA LEU A 71 -11.18 17.49 20.26
C LEU A 71 -10.83 16.82 18.95
N LEU A 72 -9.55 16.91 18.57
CA LEU A 72 -9.04 16.32 17.37
C LEU A 72 -7.83 15.47 17.66
N LEU A 73 -7.68 14.40 16.88
CA LEU A 73 -6.58 13.46 17.03
C LEU A 73 -5.60 13.54 15.86
N ASN A 74 -4.32 13.82 16.16
CA ASN A 74 -3.25 13.96 15.16
C ASN A 74 -2.29 12.78 15.33
N ASP A 75 -2.32 11.78 14.44
CA ASP A 75 -1.24 10.74 14.46
C ASP A 75 0.07 11.37 13.99
N ILE A 76 1.16 11.18 14.72
CA ILE A 76 2.48 11.71 14.32
C ILE A 76 3.57 10.67 14.59
N SER A 77 3.21 9.41 14.33
CA SER A 77 3.99 8.28 14.79
C SER A 77 4.61 7.50 13.64
N THR A 78 5.74 6.87 13.96
CA THR A 78 6.35 5.88 13.09
C THR A 78 5.40 4.69 12.85
N ASN A 79 4.88 4.08 13.90
CA ASN A 79 4.16 2.80 13.76
C ASN A 79 2.62 2.88 13.70
N GLY A 80 2.08 4.08 13.59
CA GLY A 80 0.64 4.26 13.37
C GLY A 80 -0.19 4.28 14.65
N THR A 81 -1.41 4.77 14.48
CA THR A 81 -2.34 5.00 15.57
C THR A 81 -3.73 4.67 15.06
N TRP A 82 -4.49 3.90 15.84
CA TRP A 82 -5.81 3.40 15.48
C TRP A 82 -6.89 4.09 16.27
N LEU A 83 -7.96 4.49 15.58
CA LEU A 83 -9.10 5.13 16.23
C LEU A 83 -10.32 4.27 15.98
N ASN A 84 -10.85 3.69 17.06
CA ASN A 84 -11.93 2.70 16.98
C ASN A 84 -11.52 1.61 16.01
N GLY A 85 -10.30 1.09 16.22
CA GLY A 85 -9.80 -0.02 15.44
C GLY A 85 -9.51 0.17 13.97
N GLN A 86 -9.62 1.41 13.46
CA GLN A 86 -9.21 1.74 12.08
C GLN A 86 -8.00 2.66 12.15
N LYS A 87 -6.92 2.30 11.45
CA LYS A 87 -5.69 3.11 11.44
C LYS A 87 -5.96 4.48 10.80
N VAL A 88 -5.72 5.56 11.55
CA VAL A 88 -5.93 6.90 10.99
C VAL A 88 -4.76 7.27 10.09
N GLU A 89 -5.03 8.20 9.18
CA GLU A 89 -4.04 8.70 8.25
C GLU A 89 -3.04 9.56 9.02
N LYS A 90 -1.75 9.31 8.80
CA LYS A 90 -0.71 10.08 9.49
C LYS A 90 -0.76 11.58 9.14
N ASN A 91 -0.46 12.42 10.13
CA ASN A 91 -0.52 13.87 10.03
C ASN A 91 -1.89 14.41 9.58
N SER A 92 -2.96 13.68 9.89
CA SER A 92 -4.33 14.14 9.65
C SER A 92 -4.96 14.59 10.97
N TYR A 93 -6.14 15.16 10.90
CA TYR A 93 -6.80 15.72 12.07
C TYR A 93 -8.22 15.14 12.16
N GLN A 94 -8.38 14.06 12.95
CA GLN A 94 -9.66 13.36 13.06
C GLN A 94 -10.46 13.80 14.27
N LEU A 95 -11.78 14.02 14.08
CA LEU A 95 -12.67 14.43 15.19
C LEU A 95 -12.87 13.29 16.18
N LEU A 96 -12.72 13.59 17.47
CA LEU A 96 -12.95 12.61 18.53
C LEU A 96 -14.39 12.72 19.01
N SER A 97 -15.09 11.59 18.93
CA SER A 97 -16.42 11.44 19.49
C SER A 97 -16.31 10.86 20.92
N GLN A 98 -17.38 11.06 21.68
CA GLN A 98 -17.52 10.45 22.99
C GLN A 98 -17.26 8.93 22.98
N GLY A 99 -16.54 8.45 23.98
CA GLY A 99 -16.24 7.05 24.09
C GLY A 99 -15.32 6.44 23.04
N ASP A 100 -14.61 7.24 22.27
CA ASP A 100 -13.72 6.71 21.22
C ASP A 100 -12.54 5.96 21.82
N GLU A 101 -12.03 4.99 21.08
CA GLU A 101 -10.93 4.15 21.56
C GLU A 101 -9.68 4.33 20.70
N ILE A 102 -8.66 4.92 21.29
CA ILE A 102 -7.37 5.17 20.66
C ILE A 102 -6.44 4.01 21.01
N THR A 103 -5.82 3.41 20.01
CA THR A 103 -5.05 2.16 20.17
C THR A 103 -3.70 2.27 19.47
N VAL A 104 -2.64 1.79 20.11
CA VAL A 104 -1.29 1.81 19.51
C VAL A 104 -0.66 0.43 19.67
N ARG A 105 0.33 0.09 18.86
CA ARG A 105 0.99 -1.23 18.97
C ARG A 105 2.20 -1.15 19.90
N THR A 106 2.43 -2.23 20.63
CA THR A 106 3.48 -2.33 21.67
C THR A 106 4.49 -3.44 21.34
N ASP A 107 4.01 -4.61 20.95
CA ASP A 107 4.88 -5.71 20.49
C ASP A 107 4.77 -5.93 18.98
N PRO A 108 5.81 -6.58 18.40
CA PRO A 108 5.60 -7.22 17.07
C PRO A 108 4.59 -8.38 17.08
N THR A 109 4.42 -9.05 18.23
CA THR A 109 3.39 -10.09 18.50
C THR A 109 1.94 -9.61 18.30
N GLY A 110 1.72 -8.30 18.33
CA GLY A 110 0.40 -7.73 18.06
C GLY A 110 -0.38 -7.56 19.34
N THR A 111 0.31 -7.37 20.46
CA THR A 111 -0.33 -6.80 21.65
C THR A 111 -0.40 -5.29 21.45
N ILE A 112 -1.19 -4.67 22.30
CA ILE A 112 -1.72 -3.32 22.06
C ILE A 112 -1.78 -2.55 23.37
N LEU A 113 -1.75 -1.22 23.26
CA LEU A 113 -2.12 -0.32 24.34
C LEU A 113 -3.37 0.43 23.87
N SER A 114 -4.34 0.55 24.75
CA SER A 114 -5.69 1.00 24.38
C SER A 114 -6.20 2.00 25.38
N LEU A 115 -6.57 3.18 24.89
CA LEU A 115 -7.05 4.31 25.69
C LEU A 115 -8.46 4.67 25.24
N VAL A 116 -9.29 5.12 26.16
CA VAL A 116 -10.67 5.47 25.85
C VAL A 116 -10.93 6.90 26.31
N ILE A 117 -11.51 7.70 25.42
CA ILE A 117 -11.74 9.11 25.67
C ILE A 117 -13.16 9.27 26.19
N PHE A 118 -13.28 9.98 27.31
CA PHE A 118 -14.55 10.44 27.80
C PHE A 118 -14.46 11.97 27.77
N ILE A 119 -15.33 12.58 26.98
CA ILE A 119 -15.27 14.02 26.77
C ILE A 119 -16.31 14.68 27.67
N ASN A 120 -15.84 15.58 28.52
CA ASN A 120 -16.70 16.28 29.46
C ASN A 120 -17.49 17.36 28.72
N ASP A 121 -18.78 17.09 28.50
CA ASP A 121 -19.68 18.06 27.89
C ASP A 121 -19.84 19.36 28.68
N LYS A 122 -19.72 19.29 30.01
CA LYS A 122 -19.94 20.44 30.87
C LYS A 122 -18.89 21.52 30.64
N PHE A 123 -17.70 21.11 30.21
CA PHE A 123 -16.63 22.06 29.84
C PHE A 123 -16.94 22.82 28.56
N LYS A 124 -17.35 22.08 27.52
CA LYS A 124 -17.72 22.68 26.25
C LYS A 124 -18.81 23.72 26.45
N GLN A 125 -19.88 23.32 27.13
CA GLN A 125 -21.01 24.21 27.41
C GLN A 125 -20.58 25.39 28.29
N SER A 126 -19.65 25.17 29.21
CA SER A 126 -19.06 26.25 30.01
C SER A 126 -18.30 27.33 29.21
N LEU A 127 -17.98 27.09 27.93
CA LEU A 127 -17.53 28.15 27.02
C LEU A 127 -18.72 28.96 26.44
N GLU A 128 -19.12 29.92 27.30
CA GLU A 128 -20.32 30.79 27.27
C GLU A 128 -21.63 30.04 27.05
N ASN B 3 -12.48 31.57 -3.80
CA ASN B 3 -11.27 32.32 -4.21
C ASN B 3 -10.09 31.99 -3.26
N ILE B 4 -9.09 32.84 -3.28
CA ILE B 4 -7.75 32.50 -2.88
C ILE B 4 -7.54 32.69 -1.38
N VAL B 5 -7.00 31.68 -0.70
CA VAL B 5 -6.78 31.78 0.74
C VAL B 5 -5.47 32.52 1.04
N PHE B 6 -4.42 32.07 0.36
CA PHE B 6 -3.08 32.63 0.49
C PHE B 6 -2.23 32.30 -0.72
N ARG B 7 -1.08 32.96 -0.80
CA ARG B 7 -0.21 32.93 -1.97
C ARG B 7 1.24 32.80 -1.51
N VAL B 8 2.03 32.04 -2.25
CA VAL B 8 3.35 31.64 -1.83
C VAL B 8 4.35 32.04 -2.91
N ILE B 9 5.32 32.87 -2.49
CA ILE B 9 6.39 33.25 -3.37
C ILE B 9 7.71 32.66 -2.89
N SER B 10 8.32 31.87 -3.73
CA SER B 10 9.73 31.48 -3.57
C SER B 10 10.49 32.27 -4.58
N THR B 11 11.56 32.95 -4.22
CA THR B 11 12.43 33.63 -5.23
C THR B 11 13.38 32.57 -5.82
N THR B 12 14.09 31.92 -4.93
CA THR B 12 14.99 30.79 -5.22
C THR B 12 14.41 29.55 -5.86
N GLY B 13 13.22 29.16 -5.45
CA GLY B 13 12.70 27.84 -5.70
C GLY B 13 11.99 27.59 -7.02
N GLN B 14 11.70 26.33 -7.28
CA GLN B 14 11.20 25.85 -8.55
C GLN B 14 9.73 26.23 -8.80
N ILE B 15 9.05 26.83 -7.82
CA ILE B 15 7.70 27.36 -8.03
C ILE B 15 7.73 28.80 -7.57
N PRO B 16 7.85 29.75 -8.50
CA PRO B 16 8.02 31.12 -8.10
C PRO B 16 6.79 31.63 -7.43
N ILE B 17 5.64 31.45 -8.06
CA ILE B 17 4.37 31.88 -7.50
C ILE B 17 3.39 30.72 -7.53
N ARG B 18 2.73 30.50 -6.40
CA ARG B 18 1.62 29.53 -6.27
C ARG B 18 0.52 30.14 -5.44
N ASP B 19 -0.70 30.07 -5.92
CA ASP B 19 -1.91 30.46 -5.19
C ASP B 19 -2.55 29.18 -4.67
N PHE B 20 -3.09 29.28 -3.45
CA PHE B 20 -3.82 28.21 -2.82
C PHE B 20 -5.23 28.70 -2.47
N SER B 21 -6.23 28.05 -3.06
CA SER B 21 -7.63 28.45 -2.89
C SER B 21 -8.43 27.36 -2.17
N ALA B 22 -9.67 27.73 -1.82
CA ALA B 22 -10.61 26.83 -1.19
C ALA B 22 -12.03 27.30 -1.41
N ASP B 23 -12.92 26.33 -1.66
CA ASP B 23 -14.35 26.57 -1.83
C ASP B 23 -14.95 26.97 -0.48
N ILE B 24 -15.57 28.15 -0.38
CA ILE B 24 -16.15 28.59 0.90
C ILE B 24 -17.38 27.76 1.34
N SER B 25 -18.14 27.24 0.39
CA SER B 25 -19.22 26.29 0.69
C SER B 25 -18.63 25.11 1.45
N GLN B 26 -17.74 24.37 0.80
CA GLN B 26 -17.14 23.16 1.36
C GLN B 26 -16.41 23.43 2.71
N VAL B 27 -15.92 24.66 2.91
CA VAL B 27 -15.27 25.05 4.17
C VAL B 27 -16.24 25.16 5.32
N LEU B 28 -17.42 25.71 5.07
CA LEU B 28 -18.43 25.83 6.13
C LEU B 28 -19.10 24.48 6.45
N LYS B 29 -19.31 23.67 5.42
CA LYS B 29 -19.76 22.26 5.57
C LYS B 29 -18.84 21.39 6.43
N GLU B 30 -17.56 21.73 6.52
CA GLU B 30 -16.62 20.97 7.35
C GLU B 30 -16.96 21.18 8.84
N LYS B 31 -17.01 20.07 9.57
CA LYS B 31 -17.34 20.04 11.00
C LYS B 31 -16.16 20.40 11.87
N ARG B 32 -14.97 19.93 11.47
CA ARG B 32 -13.76 20.08 12.27
C ARG B 32 -13.30 21.53 12.37
N SER B 33 -12.62 21.88 13.46
CA SER B 33 -12.02 23.22 13.63
C SER B 33 -10.89 23.50 12.60
N ILE B 34 -10.28 22.45 12.05
CA ILE B 34 -9.28 22.57 11.00
C ILE B 34 -9.96 22.31 9.66
N LYS B 35 -10.15 23.40 8.90
CA LYS B 35 -10.98 23.39 7.70
C LYS B 35 -10.26 22.87 6.49
N LYS B 36 -8.96 23.09 6.42
CA LYS B 36 -8.18 22.60 5.27
C LYS B 36 -6.69 22.54 5.64
N VAL B 37 -5.98 21.61 5.00
CA VAL B 37 -4.56 21.42 5.27
C VAL B 37 -3.75 21.30 3.97
N TRP B 38 -2.69 22.08 3.90
CA TRP B 38 -1.74 21.99 2.81
C TRP B 38 -0.43 21.52 3.37
N THR B 39 0.21 20.57 2.69
CA THR B 39 1.52 20.06 3.14
C THR B 39 2.62 20.43 2.17
N PHE B 40 3.80 20.63 2.72
CA PHE B 40 4.95 21.12 2.02
C PHE B 40 6.06 20.14 2.32
N GLY B 41 6.68 19.59 1.28
CA GLY B 41 7.78 18.65 1.53
C GLY B 41 8.53 18.14 0.32
N ARG B 42 9.54 17.32 0.59
CA ARG B 42 10.36 16.69 -0.46
C ARG B 42 9.54 15.71 -1.31
N ASN B 43 8.53 15.09 -0.71
CA ASN B 43 7.72 14.11 -1.39
C ASN B 43 6.76 14.88 -2.28
N PRO B 44 6.80 14.63 -3.60
CA PRO B 44 5.90 15.34 -4.51
C PRO B 44 4.42 15.02 -4.35
N ALA B 45 4.08 14.04 -3.52
CA ALA B 45 2.71 13.83 -3.06
C ALA B 45 2.14 15.02 -2.32
N CYS B 46 3.01 15.83 -1.72
CA CYS B 46 2.62 17.05 -1.01
C CYS B 46 1.87 18.04 -1.91
N ASP B 47 1.22 19.01 -1.30
CA ASP B 47 0.58 20.06 -2.07
C ASP B 47 1.60 20.98 -2.75
N TYR B 48 2.70 21.27 -2.05
CA TYR B 48 3.78 22.10 -2.56
C TYR B 48 5.06 21.29 -2.47
N HIS B 49 5.68 21.05 -3.62
CA HIS B 49 6.92 20.31 -3.65
C HIS B 49 8.06 21.25 -3.33
N LEU B 50 8.71 21.06 -2.20
CA LEU B 50 9.91 21.84 -1.85
C LEU B 50 11.15 21.38 -2.61
N GLY B 51 11.06 20.28 -3.35
CA GLY B 51 12.15 19.82 -4.22
C GLY B 51 12.83 18.62 -3.62
N ASN B 52 13.59 17.90 -4.44
CA ASN B 52 14.22 16.64 -4.02
C ASN B 52 15.54 16.89 -3.29
N ILE B 53 15.47 17.71 -2.23
CA ILE B 53 16.60 18.11 -1.42
C ILE B 53 16.57 17.22 -0.17
N LEU B 54 17.60 16.39 0.04
CA LEU B 54 17.47 15.27 0.99
C LEU B 54 17.21 15.68 2.46
N PRO B 55 17.88 16.74 2.96
CA PRO B 55 17.61 17.19 4.33
C PRO B 55 16.24 17.87 4.56
N VAL B 56 15.50 18.10 3.48
CA VAL B 56 14.10 18.46 3.60
C VAL B 56 13.33 17.17 3.81
N SER B 57 12.59 17.11 4.91
CA SER B 57 11.69 16.00 5.20
C SER B 57 10.61 15.83 4.12
N ASN B 58 10.20 14.58 3.91
CA ASN B 58 9.20 14.21 2.91
C ASN B 58 7.90 14.97 3.11
N LYS B 59 7.47 15.05 4.36
CA LYS B 59 6.45 15.97 4.79
C LYS B 59 7.10 16.81 5.86
N HIS B 60 7.38 18.06 5.50
CA HIS B 60 8.22 18.93 6.28
C HIS B 60 7.43 19.91 7.16
N PHE B 61 6.42 20.54 6.59
CA PHE B 61 5.52 21.36 7.39
C PHE B 61 4.14 21.41 6.74
N GLN B 62 3.15 21.80 7.54
CA GLN B 62 1.79 21.95 7.04
C GLN B 62 1.33 23.35 7.35
N ILE B 63 0.40 23.84 6.54
CA ILE B 63 -0.30 25.06 6.84
C ILE B 63 -1.75 24.68 7.00
N LEU B 64 -2.36 25.14 8.08
CA LEU B 64 -3.72 24.75 8.42
C LEU B 64 -4.61 25.96 8.34
N LEU B 65 -5.77 25.78 7.70
CA LEU B 65 -6.81 26.80 7.73
C LEU B 65 -7.71 26.55 8.92
N GLY B 66 -7.66 27.47 9.90
CA GLY B 66 -8.52 27.39 11.08
C GLY B 66 -9.98 27.79 10.83
N GLU B 67 -10.82 27.53 11.82
CA GLU B 67 -12.24 27.95 11.83
C GLU B 67 -12.34 29.47 11.79
N ASP B 68 -11.46 30.14 12.54
CA ASP B 68 -11.39 31.61 12.56
C ASP B 68 -11.04 32.30 11.22
N GLY B 69 -10.63 31.52 10.20
CA GLY B 69 -10.14 32.04 8.94
C GLY B 69 -8.63 32.29 8.91
N ASN B 70 -7.92 31.99 9.99
CA ASN B 70 -6.47 32.23 10.09
C ASN B 70 -5.67 30.99 9.72
N LEU B 71 -4.40 31.20 9.49
CA LEU B 71 -3.51 30.14 9.04
C LEU B 71 -2.51 29.82 10.12
N LEU B 72 -2.21 28.53 10.25
CA LEU B 72 -1.28 28.04 11.26
C LEU B 72 -0.22 27.21 10.61
N LEU B 73 0.99 27.27 11.18
CA LEU B 73 2.15 26.55 10.68
C LEU B 73 2.55 25.41 11.65
N ASN B 74 2.57 24.17 11.13
CA ASN B 74 2.90 22.97 11.91
C ASN B 74 4.24 22.45 11.40
N ASP B 75 5.34 22.64 12.14
CA ASP B 75 6.60 21.95 11.79
C ASP B 75 6.45 20.46 12.08
N ILE B 76 6.80 19.59 11.13
CA ILE B 76 6.68 18.14 11.25
C ILE B 76 7.96 17.47 10.71
N SER B 77 9.10 18.13 10.88
CA SER B 77 10.30 17.82 10.14
C SER B 77 11.39 17.29 11.04
N THR B 78 12.25 16.47 10.45
CA THR B 78 13.51 16.07 11.05
C THR B 78 14.42 17.27 11.34
N ASN B 79 14.67 18.12 10.35
CA ASN B 79 15.71 19.16 10.48
C ASN B 79 15.22 20.57 10.85
N GLY B 80 13.94 20.71 11.19
CA GLY B 80 13.41 22.00 11.67
C GLY B 80 12.96 22.95 10.57
N THR B 81 12.17 23.94 11.02
CA THR B 81 11.52 24.90 10.15
C THR B 81 11.54 26.25 10.84
N TRP B 82 11.94 27.29 10.11
CA TRP B 82 12.11 28.65 10.66
C TRP B 82 11.02 29.57 10.17
N LEU B 83 10.46 30.35 11.08
CA LEU B 83 9.44 31.33 10.74
C LEU B 83 9.97 32.71 11.10
N ASN B 84 10.20 33.53 10.07
CA ASN B 84 10.86 34.83 10.21
C ASN B 84 12.17 34.63 10.96
N GLY B 85 12.95 33.67 10.50
CA GLY B 85 14.29 33.43 11.02
C GLY B 85 14.41 32.89 12.44
N GLN B 86 13.29 32.54 13.09
CA GLN B 86 13.31 31.86 14.39
C GLN B 86 12.77 30.45 14.23
N LYS B 87 13.53 29.45 14.66
CA LYS B 87 13.10 28.04 14.55
C LYS B 87 11.85 27.79 15.39
N VAL B 88 10.76 27.35 14.77
CA VAL B 88 9.52 27.05 15.50
C VAL B 88 9.67 25.72 16.21
N GLU B 89 8.88 25.55 17.27
CA GLU B 89 8.88 24.32 18.05
C GLU B 89 8.21 23.22 17.23
N LYS B 90 8.85 22.06 17.16
CA LYS B 90 8.28 20.93 16.41
C LYS B 90 6.93 20.48 16.96
N ASN B 91 6.04 20.06 16.05
CA ASN B 91 4.67 19.65 16.38
C ASN B 91 3.86 20.71 17.14
N SER B 92 4.19 22.00 16.93
CA SER B 92 3.43 23.11 17.49
C SER B 92 2.58 23.74 16.40
N TYR B 93 1.73 24.68 16.79
CA TYR B 93 0.83 25.33 15.84
C TYR B 93 1.00 26.86 15.96
N GLN B 94 1.84 27.43 15.09
CA GLN B 94 2.16 28.87 15.14
C GLN B 94 1.30 29.68 14.16
N LEU B 95 0.80 30.83 14.62
CA LEU B 95 -0.01 31.72 13.79
C LEU B 95 0.82 32.38 12.70
N LEU B 96 0.32 32.35 11.47
CA LEU B 96 0.96 33.02 10.34
C LEU B 96 0.38 34.41 10.18
N SER B 97 1.26 35.40 10.20
CA SER B 97 0.92 36.79 9.87
C SER B 97 1.21 37.03 8.38
N GLN B 98 0.57 38.06 7.84
CA GLN B 98 0.85 38.56 6.51
C GLN B 98 2.37 38.79 6.29
N GLY B 99 2.84 38.42 5.10
CA GLY B 99 4.23 38.57 4.73
C GLY B 99 5.25 37.75 5.48
N ASP B 100 4.83 36.71 6.21
CA ASP B 100 5.77 35.88 6.98
C ASP B 100 6.69 35.09 6.06
N GLU B 101 7.89 34.81 6.53
CA GLU B 101 8.89 34.10 5.74
C GLU B 101 9.22 32.74 6.38
N ILE B 102 8.83 31.67 5.68
CA ILE B 102 9.07 30.31 6.10
C ILE B 102 10.37 29.83 5.44
N THR B 103 11.29 29.30 6.23
CA THR B 103 12.64 28.99 5.77
C THR B 103 13.03 27.58 6.21
N VAL B 104 13.65 26.80 5.33
CA VAL B 104 14.10 25.44 5.66
C VAL B 104 15.56 25.27 5.25
N ARG B 105 16.25 24.31 5.85
CA ARG B 105 17.63 24.06 5.48
C ARG B 105 17.78 23.06 4.35
N THR B 106 18.80 23.30 3.51
CA THR B 106 19.09 22.54 2.30
C THR B 106 20.47 21.88 2.38
N ASP B 107 21.48 22.64 2.82
CA ASP B 107 22.81 22.10 3.11
C ASP B 107 23.08 22.06 4.61
N PRO B 108 24.04 21.21 5.04
CA PRO B 108 24.66 21.41 6.38
C PRO B 108 25.46 22.72 6.51
N THR B 109 25.97 23.25 5.39
CA THR B 109 26.63 24.57 5.29
C THR B 109 25.75 25.77 5.71
N GLY B 110 24.43 25.58 5.73
CA GLY B 110 23.52 26.60 6.22
C GLY B 110 23.04 27.48 5.08
N THR B 111 22.99 26.92 3.87
CA THR B 111 22.17 27.51 2.81
C THR B 111 20.73 27.07 3.05
N ILE B 112 19.82 27.75 2.37
CA ILE B 112 18.42 27.82 2.76
C ILE B 112 17.50 27.82 1.56
N LEU B 113 16.26 27.42 1.81
CA LEU B 113 15.15 27.61 0.87
C LEU B 113 14.11 28.47 1.62
N SER B 114 13.50 29.42 0.93
CA SER B 114 12.75 30.49 1.55
C SER B 114 11.45 30.74 0.82
N LEU B 115 10.34 30.72 1.55
CA LEU B 115 9.00 30.97 0.99
C LEU B 115 8.37 32.12 1.74
N VAL B 116 7.54 32.89 1.04
CA VAL B 116 6.89 34.03 1.70
C VAL B 116 5.38 33.94 1.51
N ILE B 117 4.65 34.08 2.61
CA ILE B 117 3.20 33.91 2.60
C ILE B 117 2.57 35.27 2.44
N PHE B 118 1.63 35.36 1.52
CA PHE B 118 0.78 36.53 1.37
C PHE B 118 -0.64 36.05 1.59
N ILE B 119 -1.27 36.54 2.65
CA ILE B 119 -2.55 36.04 3.08
C ILE B 119 -3.65 36.95 2.59
N ASN B 120 -4.57 36.38 1.83
CA ASN B 120 -5.73 37.12 1.34
C ASN B 120 -6.73 37.36 2.47
N ASP B 121 -6.77 38.58 2.97
CA ASP B 121 -7.76 39.00 3.97
C ASP B 121 -9.19 38.92 3.49
N LYS B 122 -9.42 39.10 2.19
CA LYS B 122 -10.80 39.11 1.64
C LYS B 122 -11.46 37.75 1.80
N PHE B 123 -10.68 36.69 1.83
CA PHE B 123 -11.18 35.34 2.08
C PHE B 123 -11.63 35.14 3.52
N LYS B 124 -10.79 35.55 4.46
CA LYS B 124 -11.12 35.47 5.89
C LYS B 124 -12.44 36.20 6.15
N GLN B 125 -12.51 37.46 5.71
CA GLN B 125 -13.69 38.28 5.92
C GLN B 125 -14.91 37.69 5.19
N SER B 126 -14.70 37.06 4.03
CA SER B 126 -15.76 36.33 3.34
C SER B 126 -16.38 35.14 4.13
N LEU B 127 -15.74 34.69 5.20
CA LEU B 127 -16.36 33.74 6.15
C LEU B 127 -17.24 34.47 7.20
N GLU B 128 -18.51 34.74 6.87
CA GLU B 128 -19.49 35.29 7.82
C GLU B 128 -20.68 34.40 8.03
N GLN B 129 -21.47 34.21 6.97
CA GLN B 129 -22.34 33.04 6.78
C GLN B 129 -22.89 32.37 8.07
N GLU C 2 22.23 24.33 -14.93
CA GLU C 2 21.52 23.91 -13.69
C GLU C 2 20.76 22.57 -13.91
N ASN C 3 19.89 22.19 -12.99
CA ASN C 3 19.47 20.81 -12.84
C ASN C 3 18.12 20.51 -13.48
N ILE C 4 17.59 21.48 -14.22
CA ILE C 4 16.19 21.48 -14.58
C ILE C 4 15.97 20.73 -15.90
N VAL C 5 15.01 19.82 -15.93
CA VAL C 5 14.76 19.03 -17.15
C VAL C 5 13.87 19.79 -18.11
N PHE C 6 12.77 20.30 -17.57
CA PHE C 6 11.78 21.05 -18.34
C PHE C 6 10.94 21.94 -17.43
N ARG C 7 10.17 22.82 -18.06
CA ARG C 7 9.41 23.84 -17.38
C ARG C 7 8.01 23.92 -17.97
N VAL C 8 7.03 24.18 -17.12
CA VAL C 8 5.63 24.12 -17.49
C VAL C 8 4.98 25.46 -17.14
N ILE C 9 4.42 26.08 -18.18
CA ILE C 9 3.71 27.32 -18.04
C ILE C 9 2.25 27.10 -18.32
N SER C 10 1.43 27.45 -17.32
CA SER C 10 -0.01 27.43 -17.44
C SER C 10 -0.50 28.80 -17.87
N THR C 11 -1.39 28.83 -18.85
CA THR C 11 -1.94 30.06 -19.38
C THR C 11 -2.99 30.63 -18.43
N THR C 12 -4.00 29.80 -18.08
CA THR C 12 -4.88 30.11 -16.97
C THR C 12 -4.23 29.59 -15.69
N GLY C 13 -4.68 30.01 -14.51
CA GLY C 13 -4.65 29.09 -13.38
C GLY C 13 -3.42 29.22 -12.46
N GLN C 14 -3.53 28.52 -11.33
CA GLN C 14 -2.92 28.94 -10.08
C GLN C 14 -1.46 28.65 -9.99
N ILE C 15 -0.86 27.99 -10.97
CA ILE C 15 0.63 27.81 -10.97
C ILE C 15 1.11 28.26 -12.33
N PRO C 16 1.59 29.51 -12.40
CA PRO C 16 1.96 30.02 -13.70
C PRO C 16 3.16 29.31 -14.23
N ILE C 17 4.19 29.18 -13.41
CA ILE C 17 5.42 28.53 -13.80
C ILE C 17 5.81 27.48 -12.76
N ARG C 18 6.14 26.28 -13.24
CA ARG C 18 6.74 25.21 -12.44
C ARG C 18 7.91 24.61 -13.22
N ASP C 19 9.03 24.48 -12.53
CA ASP C 19 10.22 23.80 -13.04
C ASP C 19 10.26 22.38 -12.45
N PHE C 20 10.70 21.45 -13.29
CA PHE C 20 10.83 20.06 -12.92
C PHE C 20 12.27 19.62 -13.15
N SER C 21 12.94 19.20 -12.08
CA SER C 21 14.35 18.83 -12.13
C SER C 21 14.55 17.35 -11.82
N ALA C 22 15.79 16.89 -12.02
CA ALA C 22 16.18 15.52 -11.74
C ALA C 22 17.69 15.41 -11.56
N ASP C 23 18.07 14.62 -10.56
CA ASP C 23 19.48 14.38 -10.24
C ASP C 23 20.11 13.52 -11.33
N ILE C 24 21.18 14.01 -11.97
CA ILE C 24 21.81 13.25 -13.05
C ILE C 24 22.52 11.96 -12.56
N SER C 25 23.03 11.97 -11.34
CA SER C 25 23.56 10.75 -10.72
C SER C 25 22.49 9.68 -10.70
N GLN C 26 21.40 9.96 -9.98
CA GLN C 26 20.30 9.01 -9.79
C GLN C 26 19.67 8.55 -11.13
N VAL C 27 19.76 9.39 -12.16
CA VAL C 27 19.25 9.05 -13.50
C VAL C 27 20.10 8.00 -14.19
N LEU C 28 21.42 8.10 -14.06
CA LEU C 28 22.32 7.12 -14.68
C LEU C 28 22.31 5.77 -13.92
N LYS C 29 22.21 5.85 -12.59
CA LYS C 29 22.01 4.68 -11.72
C LYS C 29 20.76 3.84 -12.06
N GLU C 30 19.74 4.48 -12.64
CA GLU C 30 18.52 3.77 -13.01
C GLU C 30 18.79 2.81 -14.18
N LYS C 31 18.33 1.57 -14.03
CA LYS C 31 18.49 0.50 -15.03
C LYS C 31 17.48 0.62 -16.16
N ARG C 32 16.25 1.00 -15.81
CA ARG C 32 15.13 1.04 -16.75
C ARG C 32 15.31 2.10 -17.84
N SER C 33 14.73 1.88 -19.00
CA SER C 33 14.74 2.88 -20.10
C SER C 33 13.93 4.16 -19.74
N ILE C 34 12.99 4.05 -18.80
CA ILE C 34 12.24 5.20 -18.29
C ILE C 34 12.88 5.65 -16.99
N LYS C 35 13.56 6.79 -17.06
CA LYS C 35 14.43 7.28 -15.98
C LYS C 35 13.66 8.01 -14.91
N LYS C 36 12.58 8.68 -15.27
CA LYS C 36 11.77 9.42 -14.29
C LYS C 36 10.37 9.67 -14.82
N VAL C 37 9.40 9.75 -13.91
CA VAL C 37 8.02 10.00 -14.28
C VAL C 37 7.36 11.09 -13.43
N TRP C 38 6.73 12.04 -14.10
CA TRP C 38 5.95 13.06 -13.43
C TRP C 38 4.50 12.87 -13.84
N THR C 39 3.58 12.97 -12.88
CA THR C 39 2.16 12.84 -13.17
C THR C 39 1.42 14.15 -12.95
N PHE C 40 0.38 14.34 -13.75
CA PHE C 40 -0.39 15.54 -13.81
C PHE C 40 -1.84 15.09 -13.62
N GLY C 41 -2.54 15.68 -12.66
CA GLY C 41 -3.94 15.33 -12.49
C GLY C 41 -4.73 16.14 -11.48
N ARG C 42 -6.02 15.80 -11.37
CA ARG C 42 -6.92 16.44 -10.41
C ARG C 42 -6.51 16.11 -8.96
N ASN C 43 -5.91 14.95 -8.75
CA ASN C 43 -5.52 14.52 -7.42
C ASN C 43 -4.26 15.28 -7.06
N PRO C 44 -4.29 16.06 -5.97
CA PRO C 44 -3.09 16.84 -5.59
C PRO C 44 -1.89 16.01 -5.15
N ALA C 45 -2.08 14.70 -5.00
CA ALA C 45 -0.96 13.77 -4.84
C ALA C 45 -0.02 13.78 -6.02
N CYS C 46 -0.53 14.17 -7.21
CA CYS C 46 0.29 14.24 -8.43
C CYS C 46 1.46 15.20 -8.28
N ASP C 47 2.41 15.12 -9.20
CA ASP C 47 3.51 16.07 -9.20
C ASP C 47 3.02 17.51 -9.56
N TYR C 48 2.07 17.60 -10.49
CA TYR C 48 1.47 18.86 -10.89
C TYR C 48 -0.02 18.77 -10.69
N HIS C 49 -0.59 19.63 -9.86
CA HIS C 49 -2.02 19.65 -9.66
C HIS C 49 -2.67 20.44 -10.78
N LEU C 50 -3.44 19.77 -11.62
CA LEU C 50 -4.21 20.45 -12.67
C LEU C 50 -5.45 21.16 -12.13
N GLY C 51 -5.78 20.96 -10.87
CA GLY C 51 -6.89 21.66 -10.21
C GLY C 51 -8.07 20.75 -10.02
N ASN C 52 -9.00 21.12 -9.14
CA ASN C 52 -10.12 20.27 -8.76
C ASN C 52 -11.28 20.38 -9.75
N ILE C 53 -10.96 20.12 -11.02
CA ILE C 53 -11.89 20.20 -12.14
C ILE C 53 -12.35 18.77 -12.43
N LEU C 54 -13.64 18.48 -12.27
CA LEU C 54 -14.07 17.07 -12.18
C LEU C 54 -13.81 16.22 -13.46
N PRO C 55 -14.01 16.77 -14.65
CA PRO C 55 -13.70 16.00 -15.86
C PRO C 55 -12.20 15.76 -16.15
N VAL C 56 -11.34 16.39 -15.35
CA VAL C 56 -9.94 16.05 -15.34
C VAL C 56 -9.80 14.81 -14.46
N SER C 57 -9.25 13.76 -15.04
CA SER C 57 -8.92 12.53 -14.31
C SER C 57 -7.94 12.79 -13.17
N ASN C 58 -8.07 12.00 -12.10
CA ASN C 58 -7.22 12.12 -10.91
C ASN C 58 -5.75 11.98 -11.26
N LYS C 59 -5.45 11.01 -12.11
CA LYS C 59 -4.17 10.92 -12.77
C LYS C 59 -4.49 10.95 -14.25
N HIS C 60 -4.19 12.09 -14.87
CA HIS C 60 -4.65 12.41 -16.21
C HIS C 60 -3.60 12.14 -17.29
N PHE C 61 -2.37 12.58 -17.06
CA PHE C 61 -1.29 12.22 -17.99
C PHE C 61 0.03 12.21 -17.26
N GLN C 62 1.03 11.58 -17.87
CA GLN C 62 2.36 11.52 -17.30
C GLN C 62 3.32 12.01 -18.33
N ILE C 63 4.44 12.52 -17.83
CA ILE C 63 5.56 12.88 -18.69
C ILE C 63 6.70 12.00 -18.24
N LEU C 64 7.35 11.36 -19.20
CA LEU C 64 8.38 10.39 -18.91
C LEU C 64 9.70 10.90 -19.42
N LEU C 65 10.73 10.77 -18.59
CA LEU C 65 12.08 11.04 -19.03
C LEU C 65 12.68 9.75 -19.58
N GLY C 66 12.95 9.74 -20.89
CA GLY C 66 13.58 8.60 -21.56
C GLY C 66 15.07 8.47 -21.31
N GLU C 67 15.63 7.34 -21.73
CA GLU C 67 17.08 7.07 -21.68
C GLU C 67 17.85 8.06 -22.54
N ASP C 68 17.30 8.37 -23.71
CA ASP C 68 17.86 9.35 -24.65
C ASP C 68 17.95 10.80 -24.13
N GLY C 69 17.32 11.10 -22.98
CA GLY C 69 17.20 12.47 -22.46
C GLY C 69 15.96 13.20 -22.94
N ASN C 70 15.09 12.55 -23.73
CA ASN C 70 13.88 13.19 -24.28
C ASN C 70 12.67 12.89 -23.42
N LEU C 71 11.59 13.62 -23.67
CA LEU C 71 10.39 13.54 -22.86
C LEU C 71 9.25 12.97 -23.66
N LEU C 72 8.43 12.17 -23.00
CA LEU C 72 7.31 11.50 -23.63
C LEU C 72 6.04 11.77 -22.86
N LEU C 73 4.94 11.84 -23.58
CA LEU C 73 3.63 12.13 -23.00
C LEU C 73 2.70 10.90 -23.08
N ASN C 74 2.22 10.45 -21.91
CA ASN C 74 1.37 9.26 -21.78
C ASN C 74 -0.02 9.76 -21.35
N ASP C 75 -1.01 9.76 -22.26
CA ASP C 75 -2.40 9.99 -21.80
C ASP C 75 -2.89 8.79 -20.99
N ILE C 76 -3.48 9.02 -19.83
CA ILE C 76 -4.04 7.92 -19.01
C ILE C 76 -5.38 8.34 -18.41
N SER C 77 -6.15 9.06 -19.22
CA SER C 77 -7.32 9.79 -18.75
C SER C 77 -8.60 9.22 -19.32
N THR C 78 -9.66 9.42 -18.55
CA THR C 78 -11.02 9.18 -19.02
C THR C 78 -11.36 10.07 -20.23
N ASN C 79 -11.16 11.38 -20.12
CA ASN C 79 -11.69 12.31 -21.12
C ASN C 79 -10.68 12.80 -22.19
N GLY C 80 -9.50 12.21 -22.24
CA GLY C 80 -8.53 12.52 -23.28
C GLY C 80 -7.62 13.70 -23.03
N THR C 81 -6.54 13.74 -23.81
CA THR C 81 -5.48 14.72 -23.66
C THR C 81 -5.00 15.09 -25.06
N TRP C 82 -4.84 16.40 -25.30
CA TRP C 82 -4.49 16.94 -26.62
C TRP C 82 -3.08 17.47 -26.60
N LEU C 83 -2.33 17.17 -27.66
CA LEU C 83 -0.98 17.66 -27.82
C LEU C 83 -0.93 18.49 -29.08
N ASN C 84 -0.71 19.80 -28.93
CA ASN C 84 -0.78 20.76 -30.03
C ASN C 84 -2.12 20.58 -30.76
N GLY C 85 -3.19 20.56 -29.96
CA GLY C 85 -4.54 20.53 -30.51
C GLY C 85 -4.99 19.26 -31.20
N GLN C 86 -4.18 18.19 -31.19
CA GLN C 86 -4.60 16.88 -31.70
C GLN C 86 -4.66 15.91 -30.53
N LYS C 87 -5.81 15.25 -30.36
CA LYS C 87 -6.00 14.28 -29.27
C LYS C 87 -5.04 13.10 -29.44
N VAL C 88 -4.19 12.84 -28.44
CA VAL C 88 -3.27 11.70 -28.53
C VAL C 88 -4.01 10.42 -28.21
N GLU C 89 -3.46 9.31 -28.71
CA GLU C 89 -4.04 8.00 -28.46
C GLU C 89 -3.81 7.61 -27.01
N LYS C 90 -4.84 7.16 -26.31
CA LYS C 90 -4.72 6.78 -24.90
C LYS C 90 -3.72 5.63 -24.69
N ASN C 91 -2.98 5.70 -23.58
CA ASN C 91 -1.93 4.74 -23.26
C ASN C 91 -0.84 4.59 -24.34
N SER C 92 -0.60 5.66 -25.11
CA SER C 92 0.49 5.72 -26.07
C SER C 92 1.60 6.60 -25.51
N TYR C 93 2.73 6.65 -26.21
CA TYR C 93 3.90 7.38 -25.72
C TYR C 93 4.39 8.34 -26.79
N GLN C 94 3.94 9.60 -26.73
CA GLN C 94 4.23 10.62 -27.77
C GLN C 94 5.41 11.50 -27.39
N LEU C 95 6.30 11.77 -28.36
CA LEU C 95 7.48 12.62 -28.13
C LEU C 95 7.08 14.08 -27.93
N LEU C 96 7.63 14.70 -26.90
CA LEU C 96 7.42 16.13 -26.65
C LEU C 96 8.54 16.93 -27.28
N SER C 97 8.14 17.86 -28.15
CA SER C 97 9.05 18.85 -28.73
C SER C 97 9.02 20.12 -27.90
N GLN C 98 10.05 20.93 -28.06
CA GLN C 98 10.12 22.27 -27.47
C GLN C 98 8.86 23.11 -27.80
N GLY C 99 8.40 23.84 -26.81
CA GLY C 99 7.22 24.68 -26.94
C GLY C 99 5.89 23.99 -27.19
N ASP C 100 5.78 22.69 -26.96
CA ASP C 100 4.52 21.98 -27.21
C ASP C 100 3.42 22.43 -26.25
N GLU C 101 2.18 22.31 -26.69
CA GLU C 101 1.04 22.72 -25.88
C GLU C 101 0.15 21.51 -25.53
N ILE C 102 0.13 21.18 -24.25
CA ILE C 102 -0.69 20.09 -23.71
C ILE C 102 -2.01 20.71 -23.24
N THR C 103 -3.13 20.12 -23.67
CA THR C 103 -4.45 20.71 -23.45
C THR C 103 -5.42 19.66 -22.92
N VAL C 104 -6.28 20.00 -21.98
CA VAL C 104 -7.45 19.14 -21.66
C VAL C 104 -8.76 19.88 -21.83
N ARG C 105 -9.71 19.07 -22.41
CA ARG C 105 -11.01 19.44 -23.02
C ARG C 105 -12.03 18.34 -22.63
N THR C 106 -13.29 18.79 -22.50
CA THR C 106 -14.51 17.97 -22.53
C THR C 106 -15.32 18.48 -23.71
N ASP C 107 -16.56 18.04 -24.01
CA ASP C 107 -17.34 18.72 -25.03
C ASP C 107 -18.02 20.01 -24.64
N PRO C 108 -19.00 19.96 -23.73
CA PRO C 108 -19.74 21.21 -23.43
C PRO C 108 -18.92 22.29 -22.70
N THR C 109 -17.89 21.86 -21.93
CA THR C 109 -16.97 22.83 -21.22
C THR C 109 -16.12 23.65 -22.20
N GLY C 110 -15.99 23.18 -23.44
CA GLY C 110 -14.90 23.63 -24.35
C GLY C 110 -13.53 23.01 -24.06
N THR C 111 -12.47 23.81 -24.12
CA THR C 111 -11.22 23.46 -23.47
C THR C 111 -11.37 23.79 -21.99
N ILE C 112 -10.38 23.32 -21.22
CA ILE C 112 -10.30 23.58 -19.82
C ILE C 112 -8.90 24.03 -19.41
N LEU C 113 -7.87 23.25 -19.70
CA LEU C 113 -6.57 23.50 -19.19
C LEU C 113 -5.58 23.61 -20.29
N SER C 114 -4.66 24.59 -20.31
CA SER C 114 -3.60 24.60 -21.31
C SER C 114 -2.23 24.80 -20.66
N LEU C 115 -1.31 23.89 -20.94
CA LEU C 115 0.05 23.95 -20.45
C LEU C 115 1.04 23.98 -21.59
N VAL C 116 2.17 24.65 -21.39
CA VAL C 116 3.18 24.72 -22.43
C VAL C 116 4.52 24.25 -21.88
N ILE C 117 5.17 23.36 -22.64
CA ILE C 117 6.41 22.73 -22.21
C ILE C 117 7.57 23.50 -22.78
N PHE C 118 8.52 23.85 -21.93
CA PHE C 118 9.80 24.39 -22.35
C PHE C 118 10.86 23.44 -21.87
N ILE C 119 11.57 22.85 -22.82
CA ILE C 119 12.53 21.78 -22.51
C ILE C 119 13.92 22.38 -22.44
N ASN C 120 14.57 22.18 -21.30
CA ASN C 120 15.95 22.62 -21.10
C ASN C 120 16.91 21.70 -21.88
N ASP C 121 17.43 22.20 -22.98
CA ASP C 121 18.44 21.49 -23.77
C ASP C 121 19.74 21.24 -23.02
N LYS C 122 20.09 22.12 -22.08
CA LYS C 122 21.35 21.99 -21.35
C LYS C 122 21.39 20.73 -20.49
N PHE C 123 20.23 20.27 -20.04
CA PHE C 123 20.11 19.02 -19.31
C PHE C 123 20.37 17.79 -20.17
N LYS C 124 19.72 17.76 -21.34
CA LYS C 124 19.91 16.66 -22.28
C LYS C 124 21.40 16.51 -22.63
N GLN C 125 22.01 17.62 -23.04
CA GLN C 125 23.42 17.64 -23.41
C GLN C 125 24.32 17.30 -22.23
N SER C 126 23.92 17.69 -21.02
CA SER C 126 24.61 17.28 -19.79
C SER C 126 24.64 15.75 -19.53
N LEU C 127 23.91 14.99 -20.36
CA LEU C 127 24.12 13.55 -20.59
C LEU C 127 24.75 13.32 -21.98
N ASN D 3 11.13 -11.99 -36.02
CA ASN D 3 12.07 -12.58 -35.01
C ASN D 3 11.69 -12.14 -33.61
N ILE D 4 11.64 -13.07 -32.68
CA ILE D 4 10.71 -13.04 -31.56
C ILE D 4 11.30 -12.27 -30.38
N VAL D 5 10.54 -11.35 -29.82
CA VAL D 5 11.03 -10.57 -28.66
C VAL D 5 10.80 -11.35 -27.38
N PHE D 6 9.56 -11.82 -27.23
CA PHE D 6 9.14 -12.61 -26.07
C PHE D 6 7.91 -13.42 -26.38
N ARG D 7 7.60 -14.34 -25.49
CA ARG D 7 6.58 -15.35 -25.72
C ARG D 7 5.77 -15.53 -24.44
N VAL D 8 4.48 -15.76 -24.61
CA VAL D 8 3.53 -15.71 -23.49
C VAL D 8 2.76 -17.00 -23.46
N ILE D 9 2.87 -17.69 -22.33
CA ILE D 9 2.19 -18.95 -22.11
C ILE D 9 1.13 -18.78 -21.03
N SER D 10 -0.10 -19.05 -21.40
CA SER D 10 -1.19 -19.25 -20.44
C SER D 10 -1.43 -20.73 -20.38
N THR D 11 -1.48 -21.30 -19.18
CA THR D 11 -1.81 -22.73 -19.02
C THR D 11 -3.35 -22.86 -19.09
N THR D 12 -4.01 -22.12 -18.23
CA THR D 12 -5.46 -22.01 -18.19
C THR D 12 -6.15 -21.39 -19.45
N GLY D 13 -5.55 -20.42 -20.07
CA GLY D 13 -6.33 -19.28 -20.55
C GLY D 13 -6.84 -19.21 -21.93
N GLN D 14 -6.84 -20.34 -22.63
CA GLN D 14 -7.53 -20.44 -23.94
C GLN D 14 -6.73 -19.77 -25.09
N ILE D 15 -5.62 -19.11 -24.84
CA ILE D 15 -4.57 -18.91 -25.84
C ILE D 15 -3.29 -19.45 -25.18
N PRO D 16 -2.92 -20.68 -25.54
CA PRO D 16 -1.87 -21.32 -24.78
C PRO D 16 -0.56 -20.66 -25.02
N ILE D 17 -0.21 -20.43 -26.29
CA ILE D 17 1.01 -19.77 -26.67
C ILE D 17 0.67 -18.59 -27.60
N ARG D 18 1.32 -17.46 -27.33
CA ARG D 18 1.46 -16.35 -28.28
C ARG D 18 2.90 -15.86 -28.30
N ASP D 19 3.42 -15.70 -29.50
CA ASP D 19 4.74 -15.08 -29.72
C ASP D 19 4.52 -13.65 -30.14
N PHE D 20 5.41 -12.79 -29.68
CA PHE D 20 5.39 -11.35 -29.99
C PHE D 20 6.73 -10.97 -30.59
N SER D 21 6.71 -10.56 -31.86
CA SER D 21 7.92 -10.30 -32.63
C SER D 21 7.97 -8.83 -33.03
N ALA D 22 9.13 -8.44 -33.55
CA ALA D 22 9.37 -7.10 -34.03
C ALA D 22 10.51 -7.08 -35.03
N ASP D 23 10.34 -6.27 -36.07
CA ASP D 23 11.36 -6.04 -37.09
C ASP D 23 12.51 -5.24 -36.47
N ILE D 24 13.73 -5.76 -36.50
CA ILE D 24 14.88 -5.05 -35.90
C ILE D 24 15.26 -3.76 -36.67
N SER D 25 15.06 -3.75 -37.99
CA SER D 25 15.22 -2.51 -38.76
C SER D 25 14.33 -1.43 -38.19
N GLN D 26 13.02 -1.66 -38.22
CA GLN D 26 12.02 -0.66 -37.76
C GLN D 26 12.23 -0.25 -36.28
N VAL D 27 12.82 -1.14 -35.48
CA VAL D 27 13.12 -0.84 -34.07
C VAL D 27 14.25 0.19 -33.92
N LEU D 28 15.29 0.05 -34.74
CA LEU D 28 16.41 1.00 -34.69
C LEU D 28 16.05 2.36 -35.32
N LYS D 29 15.25 2.32 -36.39
CA LYS D 29 14.67 3.53 -37.00
C LYS D 29 13.81 4.38 -36.04
N GLU D 30 13.25 3.77 -35.01
CA GLU D 30 12.45 4.50 -34.04
C GLU D 30 13.34 5.44 -33.20
N LYS D 31 12.91 6.69 -33.06
CA LYS D 31 13.64 7.69 -32.27
C LYS D 31 13.39 7.57 -30.78
N ARG D 32 12.16 7.27 -30.42
CA ARG D 32 11.71 7.26 -29.02
C ARG D 32 12.40 6.17 -28.19
N SER D 33 12.54 6.42 -26.89
CA SER D 33 13.09 5.42 -25.96
C SER D 33 12.21 4.17 -25.80
N ILE D 34 10.90 4.31 -26.08
CA ILE D 34 9.97 3.19 -26.05
C ILE D 34 9.76 2.74 -27.50
N LYS D 35 10.36 1.60 -27.83
CA LYS D 35 10.45 1.11 -29.20
C LYS D 35 9.18 0.43 -29.68
N LYS D 36 8.46 -0.21 -28.77
CA LYS D 36 7.23 -0.90 -29.16
C LYS D 36 6.36 -1.19 -27.94
N VAL D 37 5.05 -1.23 -28.16
CA VAL D 37 4.10 -1.47 -27.06
C VAL D 37 3.06 -2.51 -27.43
N TRP D 38 2.91 -3.49 -26.53
CA TRP D 38 1.87 -4.50 -26.68
C TRP D 38 0.89 -4.33 -25.54
N THR D 39 -0.40 -4.40 -25.84
CA THR D 39 -1.43 -4.27 -24.83
C THR D 39 -2.21 -5.56 -24.64
N PHE D 40 -2.66 -5.76 -23.40
CA PHE D 40 -3.30 -6.97 -22.95
C PHE D 40 -4.59 -6.53 -22.31
N GLY D 41 -5.73 -7.07 -22.75
CA GLY D 41 -6.99 -6.70 -22.12
C GLY D 41 -8.24 -7.43 -22.59
N ARG D 42 -9.36 -7.08 -21.97
CA ARG D 42 -10.67 -7.65 -22.33
C ARG D 42 -11.10 -7.25 -23.75
N ASN D 43 -10.67 -6.08 -24.20
CA ASN D 43 -11.05 -5.57 -25.51
C ASN D 43 -10.19 -6.31 -26.52
N PRO D 44 -10.81 -7.04 -27.46
CA PRO D 44 -10.05 -7.77 -28.47
C PRO D 44 -9.26 -6.91 -29.46
N ALA D 45 -9.44 -5.60 -29.41
CA ALA D 45 -8.55 -4.64 -30.07
C ALA D 45 -7.13 -4.74 -29.60
N CYS D 46 -6.93 -5.20 -28.36
CA CYS D 46 -5.60 -5.39 -27.78
C CYS D 46 -4.75 -6.37 -28.59
N ASP D 47 -3.46 -6.38 -28.32
CA ASP D 47 -2.57 -7.34 -28.95
C ASP D 47 -2.84 -8.76 -28.44
N TYR D 48 -3.13 -8.89 -27.16
CA TYR D 48 -3.42 -10.18 -26.52
C TYR D 48 -4.79 -10.05 -25.87
N HIS D 49 -5.73 -10.87 -26.30
CA HIS D 49 -7.05 -10.86 -25.72
C HIS D 49 -7.03 -11.71 -24.47
N LEU D 50 -7.20 -11.07 -23.31
CA LEU D 50 -7.31 -11.81 -22.05
C LEU D 50 -8.68 -12.45 -21.86
N GLY D 51 -9.63 -12.18 -22.77
CA GLY D 51 -10.94 -12.86 -22.76
C GLY D 51 -12.00 -11.92 -22.25
N ASN D 52 -13.27 -12.26 -22.52
CA ASN D 52 -14.39 -11.37 -22.18
C ASN D 52 -14.82 -11.53 -20.72
N ILE D 53 -13.86 -11.35 -19.82
CA ILE D 53 -14.03 -11.51 -18.37
C ILE D 53 -14.20 -10.10 -17.80
N LEU D 54 -15.36 -9.78 -17.22
CA LEU D 54 -15.72 -8.38 -16.99
C LEU D 54 -14.77 -7.60 -16.04
N PRO D 55 -14.32 -8.22 -14.95
CA PRO D 55 -13.37 -7.53 -14.06
C PRO D 55 -11.95 -7.33 -14.62
N VAL D 56 -11.68 -7.92 -15.79
CA VAL D 56 -10.49 -7.57 -16.53
C VAL D 56 -10.81 -6.29 -17.30
N SER D 57 -9.99 -5.26 -17.05
CA SER D 57 -10.09 -4.01 -17.79
C SER D 57 -9.89 -4.19 -19.29
N ASN D 58 -10.56 -3.34 -20.08
CA ASN D 58 -10.49 -3.39 -21.55
C ASN D 58 -9.07 -3.28 -22.05
N LYS D 59 -8.33 -2.35 -21.46
CA LYS D 59 -6.89 -2.30 -21.60
C LYS D 59 -6.37 -2.39 -20.19
N HIS D 60 -5.80 -3.57 -19.88
CA HIS D 60 -5.47 -3.95 -18.53
C HIS D 60 -4.00 -3.73 -18.18
N PHE D 61 -3.10 -4.15 -19.05
CA PHE D 61 -1.69 -3.83 -18.87
C PHE D 61 -0.98 -3.78 -20.21
N GLN D 62 0.20 -3.18 -20.23
CA GLN D 62 0.99 -3.08 -21.44
C GLN D 62 2.36 -3.61 -21.13
N ILE D 63 3.03 -4.09 -22.17
CA ILE D 63 4.42 -4.47 -22.08
C ILE D 63 5.15 -3.57 -23.06
N LEU D 64 6.22 -2.96 -22.60
CA LEU D 64 6.94 -1.99 -23.40
C LEU D 64 8.32 -2.51 -23.72
N LEU D 65 8.71 -2.39 -24.99
CA LEU D 65 10.08 -2.68 -25.37
C LEU D 65 10.90 -1.41 -25.25
N GLY D 66 11.85 -1.41 -24.30
CA GLY D 66 12.77 -0.30 -24.12
C GLY D 66 13.88 -0.21 -25.16
N GLU D 67 14.61 0.90 -25.13
CA GLU D 67 15.80 1.12 -25.98
C GLU D 67 16.89 0.10 -25.66
N ASP D 68 17.06 -0.20 -24.37
CA ASP D 68 18.02 -1.19 -23.88
C ASP D 68 17.76 -2.65 -24.34
N GLY D 69 16.59 -2.92 -24.96
CA GLY D 69 16.18 -4.27 -25.31
C GLY D 69 15.37 -4.98 -24.23
N ASN D 70 15.11 -4.31 -23.11
CA ASN D 70 14.37 -4.90 -21.98
C ASN D 70 12.89 -4.59 -22.03
N LEU D 71 12.15 -5.36 -21.26
CA LEU D 71 10.70 -5.27 -21.27
C LEU D 71 10.20 -4.75 -19.96
N LEU D 72 9.18 -3.90 -20.04
CA LEU D 72 8.60 -3.27 -18.87
C LEU D 72 7.11 -3.50 -18.83
N LEU D 73 6.58 -3.63 -17.62
CA LEU D 73 5.17 -3.91 -17.40
C LEU D 73 4.44 -2.69 -16.77
N ASN D 74 3.42 -2.20 -17.47
CA ASN D 74 2.65 -1.01 -17.06
C ASN D 74 1.25 -1.49 -16.67
N ASP D 75 0.93 -1.54 -15.37
CA ASP D 75 -0.48 -1.78 -14.98
C ASP D 75 -1.31 -0.55 -15.32
N ILE D 76 -2.46 -0.72 -15.99
CA ILE D 76 -3.36 0.40 -16.30
C ILE D 76 -4.81 0.00 -16.09
N SER D 77 -5.02 -0.77 -15.03
CA SER D 77 -6.26 -1.49 -14.82
C SER D 77 -7.03 -0.96 -13.62
N THR D 78 -8.35 -1.12 -13.69
CA THR D 78 -9.22 -0.93 -12.56
C THR D 78 -8.88 -1.88 -11.40
N ASN D 79 -8.80 -3.19 -11.66
CA ASN D 79 -8.71 -4.17 -10.57
C ASN D 79 -7.30 -4.71 -10.26
N GLY D 80 -6.27 -4.10 -10.83
CA GLY D 80 -4.88 -4.42 -10.49
C GLY D 80 -4.28 -5.60 -11.25
N THR D 81 -2.96 -5.66 -11.18
CA THR D 81 -2.16 -6.63 -11.93
C THR D 81 -1.00 -7.06 -11.04
N TRP D 82 -0.78 -8.37 -10.96
CA TRP D 82 0.23 -8.96 -10.08
C TRP D 82 1.39 -9.50 -10.88
N LEU D 83 2.60 -9.22 -10.40
CA LEU D 83 3.81 -9.72 -11.04
C LEU D 83 4.54 -10.59 -10.03
N ASN D 84 4.62 -11.90 -10.34
CA ASN D 84 5.13 -12.90 -9.41
C ASN D 84 4.42 -12.75 -8.08
N GLY D 85 3.08 -12.70 -8.14
CA GLY D 85 2.25 -12.68 -6.96
C GLY D 85 2.30 -11.45 -6.07
N GLN D 86 2.99 -10.38 -6.49
CA GLN D 86 2.96 -9.09 -5.79
C GLN D 86 2.27 -8.07 -6.69
N LYS D 87 1.24 -7.40 -6.19
CA LYS D 87 0.50 -6.39 -6.96
C LYS D 87 1.42 -5.23 -7.31
N VAL D 88 1.60 -4.93 -8.60
CA VAL D 88 2.45 -3.80 -9.00
C VAL D 88 1.69 -2.50 -8.81
N GLU D 89 2.45 -1.43 -8.67
CA GLU D 89 1.88 -0.09 -8.48
C GLU D 89 1.28 0.36 -9.81
N LYS D 90 0.04 0.85 -9.78
CA LYS D 90 -0.64 1.27 -11.00
C LYS D 90 0.11 2.45 -11.68
N ASN D 91 0.10 2.44 -13.02
CA ASN D 91 0.80 3.43 -13.83
C ASN D 91 2.31 3.54 -13.55
N SER D 92 2.91 2.44 -13.08
CA SER D 92 4.36 2.34 -12.90
C SER D 92 4.94 1.50 -14.03
N TYR D 93 6.27 1.43 -14.07
CA TYR D 93 6.96 0.70 -15.13
C TYR D 93 7.94 -0.30 -14.50
N GLN D 94 7.49 -1.55 -14.33
CA GLN D 94 8.29 -2.61 -13.68
C GLN D 94 9.05 -3.47 -14.67
N LEU D 95 10.32 -3.77 -14.36
CA LEU D 95 11.18 -4.59 -15.22
C LEU D 95 10.72 -6.04 -15.22
N LEU D 96 10.61 -6.63 -16.41
CA LEU D 96 10.26 -8.05 -16.55
C LEU D 96 11.53 -8.88 -16.65
N SER D 97 11.65 -9.84 -15.74
CA SER D 97 12.70 -10.86 -15.80
C SER D 97 12.18 -12.09 -16.54
N GLN D 98 13.12 -12.91 -17.02
CA GLN D 98 12.82 -14.22 -17.60
C GLN D 98 11.94 -15.08 -16.68
N GLY D 99 10.98 -15.76 -17.28
CA GLY D 99 10.07 -16.62 -16.54
C GLY D 99 9.11 -15.95 -15.58
N ASP D 100 8.91 -14.63 -15.67
CA ASP D 100 8.01 -13.93 -14.73
C ASP D 100 6.56 -14.34 -14.95
N GLU D 101 5.76 -14.26 -13.90
CA GLU D 101 4.35 -14.66 -13.96
C GLU D 101 3.44 -13.46 -13.70
N ILE D 102 2.72 -13.07 -14.75
CA ILE D 102 1.76 -11.97 -14.71
C ILE D 102 0.38 -12.55 -14.42
N THR D 103 -0.31 -12.00 -13.42
CA THR D 103 -1.56 -12.59 -12.90
C THR D 103 -2.63 -11.53 -12.73
N VAL D 104 -3.86 -11.82 -13.12
CA VAL D 104 -4.96 -10.85 -12.99
C VAL D 104 -6.17 -11.54 -12.36
N ARG D 105 -7.08 -10.78 -11.78
CA ARG D 105 -8.27 -11.37 -11.18
C ARG D 105 -9.42 -11.49 -12.15
N THR D 106 -10.19 -12.56 -11.99
CA THR D 106 -11.32 -12.95 -12.86
C THR D 106 -12.64 -12.98 -12.10
N ASP D 107 -12.63 -13.59 -10.91
CA ASP D 107 -13.81 -13.58 -10.02
C ASP D 107 -13.55 -12.70 -8.79
N PRO D 108 -14.62 -12.24 -8.12
CA PRO D 108 -14.49 -11.76 -6.73
C PRO D 108 -14.07 -12.86 -5.72
N THR D 109 -14.38 -14.13 -6.02
CA THR D 109 -13.91 -15.33 -5.27
C THR D 109 -12.39 -15.47 -5.16
N GLY D 110 -11.64 -14.80 -6.05
CA GLY D 110 -10.20 -14.80 -5.99
C GLY D 110 -9.62 -15.91 -6.83
N THR D 111 -10.36 -16.31 -7.88
CA THR D 111 -9.76 -17.08 -8.97
C THR D 111 -9.04 -16.08 -9.88
N ILE D 112 -8.18 -16.63 -10.72
CA ILE D 112 -7.11 -15.89 -11.36
C ILE D 112 -6.91 -16.34 -12.80
N LEU D 113 -6.33 -15.46 -13.59
CA LEU D 113 -5.80 -15.79 -14.92
C LEU D 113 -4.28 -15.50 -14.86
N SER D 114 -3.48 -16.38 -15.45
CA SER D 114 -2.04 -16.37 -15.22
C SER D 114 -1.27 -16.57 -16.51
N LEU D 115 -0.33 -15.66 -16.79
CA LEU D 115 0.49 -15.69 -17.99
C LEU D 115 1.95 -15.75 -17.58
N VAL D 116 2.79 -16.39 -18.39
CA VAL D 116 4.20 -16.51 -18.09
C VAL D 116 5.04 -16.01 -19.25
N ILE D 117 6.01 -15.16 -18.96
CA ILE D 117 6.81 -14.50 -19.98
C ILE D 117 8.07 -15.30 -20.18
N PHE D 118 8.39 -15.59 -21.42
CA PHE D 118 9.68 -16.15 -21.79
C PHE D 118 10.30 -15.15 -22.73
N ILE D 119 11.44 -14.59 -22.31
CA ILE D 119 12.07 -13.51 -23.04
C ILE D 119 13.19 -14.09 -23.89
N ASN D 120 13.10 -13.84 -25.19
CA ASN D 120 14.15 -14.26 -26.11
C ASN D 120 15.37 -13.34 -25.97
N ASP D 121 16.41 -13.86 -25.31
CA ASP D 121 17.67 -13.13 -25.17
C ASP D 121 18.38 -12.87 -26.49
N LYS D 122 18.18 -13.73 -27.48
CA LYS D 122 18.87 -13.58 -28.78
C LYS D 122 18.45 -12.30 -29.49
N PHE D 123 17.21 -11.86 -29.25
CA PHE D 123 16.72 -10.60 -29.80
C PHE D 123 17.39 -9.38 -29.17
N LYS D 124 17.45 -9.37 -27.84
CA LYS D 124 18.09 -8.29 -27.09
C LYS D 124 19.53 -8.12 -27.57
N GLN D 125 20.29 -9.22 -27.57
CA GLN D 125 21.68 -9.20 -27.98
C GLN D 125 21.82 -8.81 -29.46
N SER D 126 20.86 -9.22 -30.29
CA SER D 126 20.82 -8.75 -31.68
C SER D 126 20.69 -7.21 -31.88
N LEU D 127 20.32 -6.47 -30.84
CA LEU D 127 20.43 -5.00 -30.85
C LEU D 127 21.84 -4.48 -30.48
N GLU D 128 22.72 -4.38 -31.47
CA GLU D 128 23.80 -3.34 -31.46
C GLU D 128 23.61 -2.59 -32.77
N GLN D 129 23.65 -3.38 -33.86
CA GLN D 129 22.88 -3.12 -35.06
C GLN D 129 22.10 -4.38 -35.41
N GLU E 2 -5.67 -7.18 18.55
CA GLU E 2 -7.01 -7.53 19.12
C GLU E 2 -7.17 -9.07 19.43
N ASN E 3 -6.18 -9.63 20.12
CA ASN E 3 -6.27 -10.91 20.80
C ASN E 3 -6.52 -10.66 22.34
N ILE E 4 -7.43 -9.75 22.53
CA ILE E 4 -8.22 -9.56 23.75
C ILE E 4 -9.35 -10.57 23.85
N VAL E 5 -9.47 -11.25 24.99
CA VAL E 5 -10.51 -12.26 25.14
C VAL E 5 -11.82 -11.62 25.55
N PHE E 6 -11.74 -10.76 26.57
CA PHE E 6 -12.90 -10.06 27.10
C PHE E 6 -12.47 -8.81 27.85
N ARG E 7 -13.46 -7.99 28.19
CA ARG E 7 -13.23 -6.70 28.79
C ARG E 7 -14.21 -6.49 29.92
N VAL E 8 -13.75 -5.81 30.97
CA VAL E 8 -14.50 -5.66 32.20
C VAL E 8 -14.65 -4.19 32.52
N ILE E 9 -15.90 -3.76 32.61
CA ILE E 9 -16.21 -2.39 32.95
C ILE E 9 -16.90 -2.35 34.30
N SER E 10 -16.28 -1.61 35.22
CA SER E 10 -16.75 -1.40 36.56
C SER E 10 -17.50 -0.08 36.60
N THR E 11 -18.66 -0.10 37.22
CA THR E 11 -19.51 1.09 37.38
C THR E 11 -18.95 1.96 38.50
N THR E 12 -18.76 1.37 39.68
CA THR E 12 -17.99 1.93 40.78
C THR E 12 -16.52 1.67 40.56
N GLY E 13 -15.68 2.16 41.46
CA GLY E 13 -14.31 1.67 41.60
C GLY E 13 -13.27 2.40 40.76
N GLN E 14 -12.02 2.19 41.17
CA GLN E 14 -10.86 2.95 40.70
C GLN E 14 -10.47 2.57 39.25
N ILE E 15 -11.02 1.50 38.70
CA ILE E 15 -10.58 1.00 37.40
C ILE E 15 -11.81 0.82 36.54
N PRO E 16 -12.08 1.80 35.67
CA PRO E 16 -13.28 1.72 34.87
C PRO E 16 -13.21 0.59 33.91
N ILE E 17 -12.12 0.49 33.16
CA ILE E 17 -11.98 -0.52 32.12
C ILE E 17 -10.69 -1.31 32.30
N ARG E 18 -10.81 -2.63 32.22
CA ARG E 18 -9.68 -3.54 32.08
C ARG E 18 -9.94 -4.56 30.96
N ASP E 19 -8.96 -4.73 30.10
CA ASP E 19 -8.95 -5.74 29.06
C ASP E 19 -8.09 -6.92 29.53
N PHE E 20 -8.56 -8.11 29.17
CA PHE E 20 -7.90 -9.36 29.51
C PHE E 20 -7.62 -10.14 28.23
N SER E 21 -6.34 -10.38 27.97
CA SER E 21 -5.90 -11.02 26.73
C SER E 21 -5.25 -12.37 26.98
N ALA E 22 -4.99 -13.08 25.89
CA ALA E 22 -4.30 -14.36 25.91
C ALA E 22 -3.67 -14.64 24.56
N ASP E 23 -2.46 -15.20 24.60
CA ASP E 23 -1.70 -15.61 23.43
C ASP E 23 -2.40 -16.82 22.79
N ILE E 24 -2.80 -16.69 21.51
CA ILE E 24 -3.52 -17.79 20.84
C ILE E 24 -2.64 -19.02 20.57
N SER E 25 -1.34 -18.81 20.35
CA SER E 25 -0.39 -19.93 20.28
C SER E 25 -0.48 -20.77 21.54
N GLN E 26 -0.13 -20.14 22.68
CA GLN E 26 -0.09 -20.81 23.99
C GLN E 26 -1.45 -21.44 24.37
N VAL E 27 -2.56 -20.88 23.86
CA VAL E 27 -3.91 -21.43 24.11
C VAL E 27 -4.14 -22.75 23.39
N LEU E 28 -3.68 -22.86 22.16
CA LEU E 28 -3.84 -24.11 21.40
C LEU E 28 -2.87 -25.21 21.90
N LYS E 29 -1.65 -24.80 22.26
CA LYS E 29 -0.68 -25.68 22.92
C LYS E 29 -1.17 -26.32 24.24
N GLU E 30 -2.12 -25.67 24.91
CA GLU E 30 -2.66 -26.21 26.14
C GLU E 30 -3.49 -27.44 25.89
N LYS E 31 -3.25 -28.48 26.69
CA LYS E 31 -3.98 -29.77 26.58
C LYS E 31 -5.36 -29.69 27.27
N ARG E 32 -5.40 -29.02 28.40
CA ARG E 32 -6.57 -29.02 29.27
C ARG E 32 -7.79 -28.34 28.65
N SER E 33 -8.99 -28.76 29.04
CA SER E 33 -10.23 -28.11 28.60
C SER E 33 -10.39 -26.67 29.12
N ILE E 34 -9.70 -26.34 30.22
CA ILE E 34 -9.69 -24.98 30.77
C ILE E 34 -8.38 -24.34 30.33
N LYS E 35 -8.48 -23.42 29.36
CA LYS E 35 -7.33 -22.84 28.69
C LYS E 35 -6.67 -21.72 29.49
N LYS E 36 -7.45 -20.98 30.27
CA LYS E 36 -6.88 -19.88 31.06
C LYS E 36 -7.84 -19.47 32.19
N VAL E 37 -7.28 -18.98 33.29
CA VAL E 37 -8.07 -18.57 34.44
C VAL E 37 -7.69 -17.22 34.98
N TRP E 38 -8.68 -16.37 35.16
CA TRP E 38 -8.49 -15.07 35.79
C TRP E 38 -9.25 -15.06 37.10
N THR E 39 -8.64 -14.53 38.15
CA THR E 39 -9.29 -14.42 39.45
C THR E 39 -9.54 -12.97 39.83
N PHE E 40 -10.61 -12.77 40.58
CA PHE E 40 -11.13 -11.49 40.96
C PHE E 40 -11.28 -11.53 42.48
N GLY E 41 -10.67 -10.58 43.17
CA GLY E 41 -10.82 -10.56 44.63
C GLY E 41 -10.18 -9.40 45.38
N ARG E 42 -10.37 -9.41 46.69
CA ARG E 42 -9.79 -8.41 47.58
C ARG E 42 -8.24 -8.47 47.62
N ASN E 43 -7.69 -9.65 47.42
CA ASN E 43 -6.25 -9.86 47.48
C ASN E 43 -5.70 -9.35 46.16
N PRO E 44 -4.78 -8.36 46.22
CA PRO E 44 -4.20 -7.82 44.99
C PRO E 44 -3.32 -8.80 44.19
N ALA E 45 -3.05 -9.97 44.74
CA ALA E 45 -2.49 -11.09 43.97
C ALA E 45 -3.37 -11.52 42.81
N CYS E 46 -4.66 -11.27 42.93
CA CYS E 46 -5.63 -11.56 41.87
C CYS E 46 -5.32 -10.86 40.55
N ASP E 47 -5.93 -11.34 39.49
CA ASP E 47 -5.79 -10.69 38.20
C ASP E 47 -6.51 -9.34 38.17
N TYR E 48 -7.67 -9.27 38.82
CA TYR E 48 -8.45 -8.03 38.94
C TYR E 48 -8.65 -7.76 40.41
N HIS E 49 -8.13 -6.63 40.88
CA HIS E 49 -8.27 -6.28 42.28
C HIS E 49 -9.63 -5.61 42.44
N LEU E 50 -10.55 -6.26 43.16
CA LEU E 50 -11.84 -5.66 43.46
C LEU E 50 -11.77 -4.56 44.53
N GLY E 51 -10.60 -4.41 45.18
CA GLY E 51 -10.38 -3.37 46.16
C GLY E 51 -10.40 -3.96 47.56
N ASN E 52 -9.90 -3.21 48.52
CA ASN E 52 -9.73 -3.70 49.90
C ASN E 52 -11.03 -3.57 50.69
N ILE E 53 -12.10 -4.18 50.16
CA ILE E 53 -13.43 -4.16 50.75
C ILE E 53 -13.61 -5.47 51.51
N LEU E 54 -13.76 -5.42 52.84
CA LEU E 54 -13.56 -6.63 53.66
C LEU E 54 -14.54 -7.80 53.36
N PRO E 55 -15.82 -7.52 53.14
CA PRO E 55 -16.76 -8.61 52.80
C PRO E 55 -16.59 -9.21 51.39
N VAL E 56 -15.71 -8.62 50.58
CA VAL E 56 -15.27 -9.27 49.37
C VAL E 56 -14.17 -10.24 49.77
N SER E 57 -14.39 -11.52 49.43
CA SER E 57 -13.39 -12.56 49.64
C SER E 57 -12.08 -12.27 48.90
N ASN E 58 -10.97 -12.73 49.48
CA ASN E 58 -9.63 -12.53 48.92
C ASN E 58 -9.53 -13.05 47.51
N LYS E 59 -10.06 -14.26 47.31
CA LYS E 59 -10.32 -14.80 45.99
C LYS E 59 -11.81 -15.05 45.96
N HIS E 60 -12.50 -14.21 45.21
CA HIS E 60 -13.95 -14.13 45.25
C HIS E 60 -14.62 -14.88 44.12
N PHE E 61 -14.16 -14.69 42.89
CA PHE E 61 -14.64 -15.49 41.77
C PHE E 61 -13.59 -15.59 40.70
N GLN E 62 -13.75 -16.55 39.80
CA GLN E 62 -12.82 -16.76 38.70
C GLN E 62 -13.61 -16.76 37.42
N ILE E 63 -12.95 -16.39 36.35
CA ILE E 63 -13.48 -16.50 35.01
C ILE E 63 -12.57 -17.44 34.27
N LEU E 64 -13.15 -18.42 33.61
CA LEU E 64 -12.40 -19.49 32.97
C LEU E 64 -12.61 -19.44 31.49
N LEU E 65 -11.51 -19.52 30.73
CA LEU E 65 -11.60 -19.63 29.28
C LEU E 65 -11.69 -21.10 28.91
N GLY E 66 -12.84 -21.50 28.39
CA GLY E 66 -13.07 -22.88 27.91
C GLY E 66 -12.39 -23.21 26.60
N GLU E 67 -12.38 -24.49 26.27
CA GLU E 67 -11.88 -25.01 24.98
C GLU E 67 -12.68 -24.46 23.82
N ASP E 68 -14.00 -24.37 24.00
CA ASP E 68 -14.91 -23.80 23.01
C ASP E 68 -14.70 -22.30 22.67
N GLY E 69 -13.87 -21.61 23.44
CA GLY E 69 -13.69 -20.14 23.32
C GLY E 69 -14.64 -19.34 24.20
N ASN E 70 -15.49 -19.99 24.99
CA ASN E 70 -16.46 -19.31 25.88
C ASN E 70 -15.92 -19.16 27.28
N LEU E 71 -16.61 -18.33 28.07
CA LEU E 71 -16.18 -17.97 29.40
C LEU E 71 -17.12 -18.54 30.43
N LEU E 72 -16.58 -18.93 31.57
CA LEU E 72 -17.34 -19.49 32.67
C LEU E 72 -17.03 -18.75 33.95
N LEU E 73 -18.03 -18.64 34.81
CA LEU E 73 -17.92 -17.95 36.08
C LEU E 73 -17.99 -18.93 37.27
N ASN E 74 -16.94 -18.95 38.10
CA ASN E 74 -16.82 -19.83 39.27
C ASN E 74 -16.93 -18.97 40.53
N ASP E 75 -18.07 -18.99 41.24
CA ASP E 75 -18.09 -18.34 42.58
C ASP E 75 -17.26 -19.15 43.56
N ILE E 76 -16.38 -18.50 44.32
CA ILE E 76 -15.55 -19.19 45.34
C ILE E 76 -15.46 -18.34 46.60
N SER E 77 -16.57 -17.70 46.92
CA SER E 77 -16.60 -16.63 47.92
C SER E 77 -17.38 -17.01 49.15
N THR E 78 -17.00 -16.39 50.26
CA THR E 78 -17.78 -16.40 51.49
C THR E 78 -19.17 -15.79 51.28
N ASN E 79 -19.26 -14.58 50.74
CA ASN E 79 -20.53 -13.84 50.73
C ASN E 79 -21.35 -13.90 49.43
N GLY E 80 -20.95 -14.74 48.48
CA GLY E 80 -21.71 -14.96 47.26
C GLY E 80 -21.44 -13.98 46.15
N THR E 81 -21.88 -14.39 44.95
CA THR E 81 -21.63 -13.66 43.72
C THR E 81 -22.87 -13.77 42.85
N TRP E 82 -23.31 -12.64 42.31
CA TRP E 82 -24.55 -12.55 41.53
C TRP E 82 -24.26 -12.34 40.06
N LEU E 83 -24.97 -13.08 39.21
CA LEU E 83 -24.82 -12.95 37.77
C LEU E 83 -26.16 -12.53 37.21
N ASN E 84 -26.22 -11.30 36.67
CA ASN E 84 -27.46 -10.68 36.21
C ASN E 84 -28.47 -10.74 37.35
N GLY E 85 -28.02 -10.30 38.53
CA GLY E 85 -28.89 -10.18 39.69
C GLY E 85 -29.43 -11.46 40.31
N GLN E 86 -29.00 -12.64 39.85
CA GLN E 86 -29.34 -13.92 40.48
C GLN E 86 -28.07 -14.52 41.08
N LYS E 87 -28.10 -14.85 42.37
CA LYS E 87 -26.94 -15.44 43.06
C LYS E 87 -26.59 -16.80 42.45
N VAL E 88 -25.36 -16.95 41.93
CA VAL E 88 -24.95 -18.24 41.36
C VAL E 88 -24.62 -19.21 42.47
N GLU E 89 -24.70 -20.50 42.15
CA GLU E 89 -24.40 -21.57 43.10
C GLU E 89 -22.90 -21.61 43.33
N LYS E 90 -22.48 -21.65 44.59
CA LYS E 90 -21.05 -21.65 44.92
C LYS E 90 -20.34 -22.90 44.35
N ASN E 91 -19.09 -22.71 43.92
CA ASN E 91 -18.28 -23.76 43.30
C ASN E 91 -18.93 -24.41 42.07
N SER E 92 -19.79 -23.66 41.36
CA SER E 92 -20.37 -24.10 40.09
C SER E 92 -19.69 -23.37 38.95
N TYR E 93 -20.02 -23.77 37.73
CA TYR E 93 -19.39 -23.18 36.53
C TYR E 93 -20.48 -22.67 35.58
N GLN E 94 -20.81 -21.38 35.69
CA GLN E 94 -21.90 -20.77 34.89
C GLN E 94 -21.40 -20.09 33.62
N LEU E 95 -22.10 -20.29 32.51
CA LEU E 95 -21.73 -19.70 31.22
C LEU E 95 -21.96 -18.18 31.21
N LEU E 96 -20.96 -17.44 30.77
CA LEU E 96 -21.07 -15.98 30.63
C LEU E 96 -21.49 -15.64 29.21
N SER E 97 -22.60 -14.92 29.11
CA SER E 97 -23.07 -14.32 27.85
C SER E 97 -22.53 -12.89 27.73
N GLN E 98 -22.54 -12.41 26.50
CA GLN E 98 -22.23 -11.00 26.20
C GLN E 98 -23.04 -10.03 27.07
N GLY E 99 -22.38 -8.99 27.54
CA GLY E 99 -23.01 -7.98 28.36
C GLY E 99 -23.50 -8.40 29.73
N ASP E 100 -23.06 -9.54 30.25
CA ASP E 100 -23.52 -10.01 31.57
C ASP E 100 -23.01 -9.11 32.68
N GLU E 101 -23.76 -9.04 33.78
CA GLU E 101 -23.42 -8.18 34.90
C GLU E 101 -23.11 -9.01 36.16
N ILE E 102 -21.86 -9.00 36.57
CA ILE E 102 -21.38 -9.69 37.77
C ILE E 102 -21.41 -8.71 38.93
N THR E 103 -22.01 -9.09 40.04
CA THR E 103 -22.29 -8.20 41.16
C THR E 103 -21.89 -8.84 42.48
N VAL E 104 -21.26 -8.10 43.37
CA VAL E 104 -20.85 -8.64 44.69
C VAL E 104 -21.26 -7.65 45.77
N ARG E 105 -21.39 -8.12 47.02
CA ARG E 105 -21.76 -7.23 48.11
C ARG E 105 -20.57 -6.59 48.80
N THR E 106 -20.75 -5.35 49.23
CA THR E 106 -19.69 -4.50 49.80
C THR E 106 -20.04 -4.08 51.25
N ASP E 107 -21.28 -3.66 51.46
CA ASP E 107 -21.80 -3.37 52.81
C ASP E 107 -22.81 -4.42 53.26
N PRO E 108 -23.02 -4.54 54.59
CA PRO E 108 -24.24 -5.21 55.09
C PRO E 108 -25.55 -4.46 54.74
N THR E 109 -25.47 -3.15 54.54
CA THR E 109 -26.58 -2.29 54.03
C THR E 109 -27.14 -2.71 52.67
N GLY E 110 -26.37 -3.48 51.89
CA GLY E 110 -26.83 -3.98 50.61
C GLY E 110 -26.45 -3.04 49.50
N THR E 111 -25.35 -2.29 49.68
CA THR E 111 -24.69 -1.67 48.55
C THR E 111 -23.82 -2.74 47.88
N ILE E 112 -23.40 -2.43 46.67
CA ILE E 112 -22.93 -3.40 45.71
C ILE E 112 -21.74 -2.87 44.92
N LEU E 113 -20.97 -3.81 44.39
CA LEU E 113 -19.94 -3.51 43.38
C LEU E 113 -20.35 -4.31 42.13
N SER E 114 -20.23 -3.69 40.96
CA SER E 114 -20.85 -4.22 39.74
C SER E 114 -19.92 -4.14 38.56
N LEU E 115 -19.72 -5.27 37.89
CA LEU E 115 -18.83 -5.39 36.73
C LEU E 115 -19.62 -5.89 35.55
N VAL E 116 -19.24 -5.48 34.34
CA VAL E 116 -19.95 -5.89 33.14
C VAL E 116 -18.97 -6.48 32.14
N ILE E 117 -19.30 -7.65 31.62
CA ILE E 117 -18.42 -8.39 30.74
C ILE E 117 -18.77 -8.05 29.31
N PHE E 118 -17.76 -7.70 28.53
CA PHE E 118 -17.90 -7.57 27.10
C PHE E 118 -16.95 -8.57 26.49
N ILE E 119 -17.50 -9.52 25.75
CA ILE E 119 -16.74 -10.66 25.24
C ILE E 119 -16.39 -10.37 23.80
N ASN E 120 -15.09 -10.37 23.52
CA ASN E 120 -14.58 -10.12 22.17
C ASN E 120 -14.81 -11.35 21.30
N ASP E 121 -15.80 -11.23 20.41
CA ASP E 121 -16.10 -12.30 19.45
C ASP E 121 -14.96 -12.60 18.47
N LYS E 122 -14.14 -11.58 18.15
CA LYS E 122 -13.06 -11.75 17.18
C LYS E 122 -12.01 -12.74 17.67
N PHE E 123 -11.84 -12.84 18.99
CA PHE E 123 -10.93 -13.81 19.59
C PHE E 123 -11.45 -15.24 19.46
N LYS E 124 -12.71 -15.44 19.80
CA LYS E 124 -13.35 -16.75 19.68
C LYS E 124 -13.22 -17.28 18.26
N GLN E 125 -13.63 -16.46 17.31
CA GLN E 125 -13.57 -16.82 15.89
C GLN E 125 -12.13 -17.03 15.43
N SER E 126 -11.20 -16.26 15.97
CA SER E 126 -9.76 -16.48 15.72
C SER E 126 -9.21 -17.85 16.16
N LEU E 127 -9.94 -18.62 16.98
CA LEU E 127 -9.63 -20.03 17.23
C LEU E 127 -10.17 -20.96 16.14
N GLU E 128 -10.72 -20.44 15.04
CA GLU E 128 -11.12 -21.24 13.89
C GLU E 128 -12.13 -22.36 14.28
N ASN F 3 1.36 -35.70 -10.30
CA ASN F 3 1.88 -34.32 -10.47
C ASN F 3 2.69 -34.26 -11.76
N ILE F 4 2.53 -33.16 -12.49
CA ILE F 4 3.13 -32.90 -13.73
C ILE F 4 4.56 -32.47 -13.70
N VAL F 5 5.42 -33.09 -14.48
CA VAL F 5 6.84 -32.70 -14.49
C VAL F 5 7.06 -31.50 -15.39
N PHE F 6 6.53 -31.61 -16.61
CA PHE F 6 6.66 -30.58 -17.63
C PHE F 6 5.57 -30.71 -18.67
N ARG F 7 5.45 -29.67 -19.49
CA ARG F 7 4.39 -29.55 -20.47
C ARG F 7 5.00 -29.07 -21.79
N VAL F 8 4.43 -29.56 -22.88
CA VAL F 8 4.99 -29.35 -24.21
C VAL F 8 3.93 -28.74 -25.10
N ILE F 9 4.25 -27.57 -25.61
CA ILE F 9 3.32 -26.73 -26.37
C ILE F 9 3.85 -26.52 -27.75
N SER F 10 2.99 -26.64 -28.78
CA SER F 10 3.35 -26.40 -30.16
C SER F 10 3.07 -24.94 -30.52
N THR F 11 4.01 -24.30 -31.19
CA THR F 11 3.95 -22.91 -31.56
C THR F 11 3.00 -22.69 -32.73
N THR F 12 3.21 -23.46 -33.81
CA THR F 12 2.21 -23.61 -34.88
C THR F 12 0.85 -24.18 -34.50
N GLY F 13 0.87 -25.15 -33.60
CA GLY F 13 -0.37 -25.50 -32.88
C GLY F 13 -1.12 -26.65 -33.53
N GLN F 14 -0.41 -27.32 -34.40
CA GLN F 14 -0.80 -28.53 -35.11
C GLN F 14 -0.93 -29.75 -34.15
N ILE F 15 -0.30 -29.66 -32.99
CA ILE F 15 -0.21 -30.79 -32.07
C ILE F 15 -0.57 -30.18 -30.71
N PRO F 16 -1.83 -30.36 -30.29
CA PRO F 16 -2.08 -29.83 -28.95
C PRO F 16 -1.17 -30.17 -27.72
N ILE F 17 -1.23 -29.21 -26.86
CA ILE F 17 -0.58 -29.29 -25.56
C ILE F 17 -0.56 -30.73 -25.06
N ARG F 18 0.60 -31.14 -24.54
CA ARG F 18 0.76 -32.42 -23.86
C ARG F 18 1.51 -32.29 -22.55
N ASP F 19 0.88 -32.85 -21.50
CA ASP F 19 1.42 -32.84 -20.16
C ASP F 19 2.06 -34.18 -19.87
N PHE F 20 3.22 -34.14 -19.20
CA PHE F 20 4.01 -35.33 -18.90
C PHE F 20 4.24 -35.40 -17.40
N SER F 21 3.72 -36.45 -16.78
CA SER F 21 3.74 -36.58 -15.31
C SER F 21 4.56 -37.78 -14.88
N ALA F 22 4.80 -37.85 -13.58
CA ALA F 22 5.50 -38.98 -12.98
C ALA F 22 5.14 -39.11 -11.51
N ASP F 23 4.95 -40.36 -11.08
CA ASP F 23 4.65 -40.70 -9.69
C ASP F 23 5.89 -40.42 -8.84
N ILE F 24 5.78 -39.57 -7.82
CA ILE F 24 6.95 -39.24 -7.00
C ILE F 24 7.43 -40.41 -6.11
N SER F 25 6.50 -41.28 -5.69
CA SER F 25 6.89 -42.52 -5.02
C SER F 25 7.84 -43.32 -5.90
N GLN F 26 7.34 -43.73 -7.06
CA GLN F 26 8.10 -44.57 -8.01
C GLN F 26 9.42 -43.91 -8.46
N VAL F 27 9.49 -42.58 -8.43
CA VAL F 27 10.72 -41.83 -8.78
C VAL F 27 11.79 -41.98 -7.73
N LEU F 28 11.42 -41.94 -6.46
CA LEU F 28 12.40 -42.09 -5.37
C LEU F 28 12.86 -43.57 -5.22
N LYS F 29 11.92 -44.50 -5.43
CA LYS F 29 12.23 -45.95 -5.51
C LYS F 29 13.25 -46.32 -6.59
N GLU F 30 13.34 -45.52 -7.65
CA GLU F 30 14.30 -45.77 -8.71
C GLU F 30 15.73 -45.56 -8.23
N LYS F 31 16.59 -46.53 -8.54
CA LYS F 31 18.02 -46.48 -8.16
C LYS F 31 18.84 -45.62 -9.10
N ARG F 32 18.52 -45.70 -10.39
CA ARG F 32 19.31 -45.05 -11.42
C ARG F 32 19.26 -43.52 -11.34
N SER F 33 20.32 -42.85 -11.80
CA SER F 33 20.34 -41.39 -11.87
C SER F 33 19.33 -40.79 -12.88
N ILE F 34 18.93 -41.59 -13.85
CA ILE F 34 17.90 -41.22 -14.82
C ILE F 34 16.59 -41.85 -14.38
N LYS F 35 15.70 -41.00 -13.85
CA LYS F 35 14.47 -41.41 -13.18
C LYS F 35 13.35 -41.75 -14.14
N LYS F 36 13.31 -41.09 -15.30
CA LYS F 36 12.28 -41.37 -16.29
C LYS F 36 12.68 -40.86 -17.67
N VAL F 37 12.17 -41.51 -18.72
CA VAL F 37 12.49 -41.12 -20.09
C VAL F 37 11.26 -41.03 -20.98
N TRP F 38 11.13 -39.92 -21.68
CA TRP F 38 10.08 -39.73 -22.66
C TRP F 38 10.71 -39.60 -24.03
N THR F 39 10.12 -40.24 -25.03
CA THR F 39 10.64 -40.17 -26.39
C THR F 39 9.67 -39.46 -27.32
N PHE F 40 10.24 -38.80 -28.31
CA PHE F 40 9.55 -37.94 -29.23
C PHE F 40 9.95 -38.44 -30.61
N GLY F 41 8.99 -38.76 -31.46
CA GLY F 41 9.34 -39.19 -32.82
C GLY F 41 8.19 -39.45 -33.77
N ARG F 42 8.56 -39.81 -35.00
CA ARG F 42 7.60 -40.15 -36.04
C ARG F 42 6.79 -41.42 -35.70
N ASN F 43 7.41 -42.34 -34.97
CA ASN F 43 6.77 -43.59 -34.63
C ASN F 43 5.79 -43.29 -33.51
N PRO F 44 4.50 -43.58 -33.72
CA PRO F 44 3.49 -43.31 -32.69
C PRO F 44 3.62 -44.14 -31.41
N ALA F 45 4.52 -45.12 -31.40
CA ALA F 45 4.93 -45.81 -30.17
C ALA F 45 5.55 -44.86 -29.16
N CYS F 46 6.13 -43.76 -29.65
CA CYS F 46 6.74 -42.74 -28.78
C CYS F 46 5.75 -42.15 -27.80
N ASP F 47 6.27 -41.47 -26.79
CA ASP F 47 5.42 -40.80 -25.82
C ASP F 47 4.73 -39.58 -26.46
N TYR F 48 5.44 -38.87 -27.34
CA TYR F 48 4.89 -37.73 -28.08
C TYR F 48 5.06 -38.01 -29.54
N HIS F 49 3.95 -38.06 -30.27
CA HIS F 49 4.01 -38.31 -31.70
C HIS F 49 4.28 -36.98 -32.39
N LEU F 50 5.45 -36.84 -33.00
CA LEU F 50 5.75 -35.66 -33.80
C LEU F 50 5.03 -35.62 -35.15
N GLY F 51 4.38 -36.73 -35.52
CA GLY F 51 3.60 -36.80 -36.75
C GLY F 51 4.34 -37.61 -37.81
N ASN F 52 3.62 -38.06 -38.83
CA ASN F 52 4.18 -38.97 -39.84
C ASN F 52 4.95 -38.23 -40.92
N ILE F 53 5.92 -37.43 -40.48
CA ILE F 53 6.74 -36.56 -41.32
C ILE F 53 8.07 -37.31 -41.56
N LEU F 54 8.37 -37.69 -42.80
CA LEU F 54 9.42 -38.69 -43.03
C LEU F 54 10.84 -38.31 -42.57
N PRO F 55 11.25 -37.06 -42.77
CA PRO F 55 12.59 -36.65 -42.27
C PRO F 55 12.72 -36.53 -40.74
N VAL F 56 11.60 -36.66 -40.03
CA VAL F 56 11.64 -36.84 -38.59
C VAL F 56 11.93 -38.32 -38.35
N SER F 57 13.00 -38.58 -37.61
CA SER F 57 13.35 -39.93 -37.17
C SER F 57 12.24 -40.58 -36.33
N ASN F 58 12.13 -41.90 -36.42
CA ASN F 58 11.12 -42.67 -35.69
C ASN F 58 11.21 -42.45 -34.21
N LYS F 59 12.44 -42.47 -33.71
CA LYS F 59 12.75 -42.00 -32.37
C LYS F 59 13.78 -40.90 -32.59
N HIS F 60 13.33 -39.66 -32.40
CA HIS F 60 14.07 -38.48 -32.79
C HIS F 60 14.84 -37.84 -31.65
N PHE F 61 14.18 -37.66 -30.50
CA PHE F 61 14.90 -37.20 -29.31
C PHE F 61 14.20 -37.71 -28.06
N GLN F 62 14.92 -37.67 -26.95
CA GLN F 62 14.36 -38.07 -25.67
C GLN F 62 14.55 -36.96 -24.70
N ILE F 63 13.67 -36.92 -23.70
CA ILE F 63 13.82 -36.02 -22.57
C ILE F 63 13.95 -36.91 -21.35
N LEU F 64 14.96 -36.63 -20.55
CA LEU F 64 15.28 -37.46 -19.40
C LEU F 64 15.04 -36.69 -18.13
N LEU F 65 14.40 -37.33 -17.17
CA LEU F 65 14.26 -36.75 -15.84
C LEU F 65 15.44 -37.20 -14.98
N GLY F 66 16.30 -36.26 -14.62
CA GLY F 66 17.45 -36.48 -13.75
C GLY F 66 17.10 -36.67 -12.28
N GLU F 67 18.08 -37.12 -11.51
CA GLU F 67 17.98 -37.25 -10.05
C GLU F 67 17.70 -35.91 -9.37
N ASP F 68 18.37 -34.87 -9.86
CA ASP F 68 18.17 -33.49 -9.38
C ASP F 68 16.77 -32.88 -9.58
N GLY F 69 15.91 -33.55 -10.35
CA GLY F 69 14.60 -33.01 -10.75
C GLY F 69 14.64 -32.22 -12.06
N ASN F 70 15.80 -32.12 -12.72
CA ASN F 70 15.95 -31.39 -13.98
C ASN F 70 15.83 -32.30 -15.18
N LEU F 71 15.67 -31.68 -16.34
CA LEU F 71 15.38 -32.37 -17.58
C LEU F 71 16.56 -32.24 -18.52
N LEU F 72 16.81 -33.29 -19.27
CA LEU F 72 17.90 -33.33 -20.24
C LEU F 72 17.37 -33.74 -21.60
N LEU F 73 18.00 -33.19 -22.64
CA LEU F 73 17.61 -33.47 -24.02
C LEU F 73 18.68 -34.30 -24.75
N ASN F 74 18.28 -35.48 -25.26
CA ASN F 74 19.18 -36.41 -25.96
C ASN F 74 18.76 -36.42 -27.44
N ASP F 75 19.53 -35.78 -28.33
CA ASP F 75 19.26 -35.98 -29.79
C ASP F 75 19.65 -37.39 -30.19
N ILE F 76 18.79 -38.11 -30.91
CA ILE F 76 19.10 -39.47 -31.39
C ILE F 76 18.60 -39.66 -32.82
N SER F 77 18.74 -38.59 -33.60
CA SER F 77 18.08 -38.47 -34.88
C SER F 77 19.05 -38.48 -36.05
N THR F 78 18.55 -38.93 -37.18
CA THR F 78 19.22 -38.78 -38.46
C THR F 78 19.44 -37.30 -38.81
N ASN F 79 18.38 -36.49 -38.79
CA ASN F 79 18.46 -35.12 -39.32
C ASN F 79 18.73 -33.99 -38.32
N GLY F 80 19.02 -34.33 -37.06
CA GLY F 80 19.37 -33.33 -36.06
C GLY F 80 18.20 -32.69 -35.34
N THR F 81 18.54 -32.06 -34.22
CA THR F 81 17.58 -31.47 -33.30
C THR F 81 18.17 -30.19 -32.77
N TRP F 82 17.38 -29.11 -32.78
CA TRP F 82 17.83 -27.78 -32.39
C TRP F 82 17.22 -27.36 -31.06
N LEU F 83 18.05 -26.79 -30.19
CA LEU F 83 17.60 -26.32 -28.89
C LEU F 83 17.87 -24.83 -28.83
N ASN F 84 16.80 -24.04 -28.79
CA ASN F 84 16.87 -22.57 -28.88
C ASN F 84 17.69 -22.21 -30.12
N GLY F 85 17.31 -22.82 -31.24
CA GLY F 85 17.91 -22.50 -32.52
C GLY F 85 19.37 -22.87 -32.76
N GLN F 86 20.00 -23.58 -31.83
CA GLN F 86 21.35 -24.13 -32.03
C GLN F 86 21.26 -25.65 -32.07
N LYS F 87 21.80 -26.26 -33.13
CA LYS F 87 21.79 -27.72 -33.28
C LYS F 87 22.59 -28.37 -32.17
N VAL F 88 21.97 -29.25 -31.38
CA VAL F 88 22.69 -29.94 -30.30
C VAL F 88 23.51 -31.07 -30.90
N GLU F 89 24.55 -31.46 -30.16
CA GLU F 89 25.43 -32.55 -30.57
C GLU F 89 24.67 -33.87 -30.41
N LYS F 90 24.70 -34.70 -31.43
CA LYS F 90 24.01 -36.00 -31.39
C LYS F 90 24.54 -36.91 -30.26
N ASN F 91 23.63 -37.65 -29.64
CA ASN F 91 23.93 -38.51 -28.50
C ASN F 91 24.59 -37.81 -27.32
N SER F 92 24.31 -36.52 -27.15
CA SER F 92 24.74 -35.73 -25.99
C SER F 92 23.56 -35.52 -25.06
N TYR F 93 23.82 -34.95 -23.89
CA TYR F 93 22.80 -34.76 -22.87
C TYR F 93 22.77 -33.30 -22.44
N GLN F 94 21.91 -32.49 -23.06
CA GLN F 94 21.85 -31.04 -22.81
C GLN F 94 20.78 -30.67 -21.78
N LEU F 95 21.11 -29.76 -20.87
CA LEU F 95 20.17 -29.30 -19.83
C LEU F 95 19.05 -28.47 -20.42
N LEU F 96 17.81 -28.77 -20.05
CA LEU F 96 16.65 -27.98 -20.47
C LEU F 96 16.31 -26.97 -19.39
N SER F 97 16.32 -25.70 -19.81
CA SER F 97 15.87 -24.58 -19.01
C SER F 97 14.38 -24.32 -19.29
N GLN F 98 13.76 -23.62 -18.36
CA GLN F 98 12.41 -23.11 -18.53
C GLN F 98 12.20 -22.38 -19.85
N GLY F 99 11.07 -22.66 -20.51
CA GLY F 99 10.74 -21.99 -21.75
C GLY F 99 11.62 -22.31 -22.95
N ASP F 100 12.41 -23.37 -22.90
CA ASP F 100 13.30 -23.70 -24.03
C ASP F 100 12.50 -24.14 -25.25
N GLU F 101 13.07 -23.92 -26.43
CA GLU F 101 12.39 -24.24 -27.68
C GLU F 101 13.14 -25.32 -28.46
N ILE F 102 12.51 -26.48 -28.55
CA ILE F 102 13.04 -27.64 -29.27
C ILE F 102 12.47 -27.62 -30.69
N THR F 103 13.35 -27.73 -31.68
CA THR F 103 12.96 -27.54 -33.09
C THR F 103 13.51 -28.66 -33.94
N VAL F 104 12.71 -29.18 -34.87
CA VAL F 104 13.17 -30.24 -35.80
C VAL F 104 12.80 -29.84 -37.22
N ARG F 105 13.47 -30.40 -38.20
CA ARG F 105 13.15 -30.06 -39.61
C ARG F 105 12.15 -31.04 -40.20
N THR F 106 11.28 -30.52 -41.06
CA THR F 106 10.15 -31.25 -41.66
C THR F 106 10.27 -31.33 -43.19
N ASP F 107 10.61 -30.21 -43.83
CA ASP F 107 10.88 -30.17 -45.27
C ASP F 107 12.37 -29.94 -45.54
N PRO F 108 12.84 -30.31 -46.76
CA PRO F 108 14.11 -29.76 -47.26
C PRO F 108 14.07 -28.22 -47.52
N THR F 109 12.88 -27.69 -47.80
CA THR F 109 12.61 -26.23 -47.91
C THR F 109 12.95 -25.41 -46.64
N GLY F 110 13.06 -26.06 -45.49
CA GLY F 110 13.49 -25.41 -44.26
C GLY F 110 12.30 -24.91 -43.48
N THR F 111 11.15 -25.57 -43.64
CA THR F 111 10.08 -25.45 -42.66
C THR F 111 10.43 -26.37 -41.48
N ILE F 112 9.71 -26.16 -40.39
CA ILE F 112 10.14 -26.61 -39.07
C ILE F 112 8.93 -27.05 -38.26
N LEU F 113 9.18 -27.90 -37.27
CA LEU F 113 8.24 -28.17 -36.19
C LEU F 113 8.91 -27.68 -34.88
N SER F 114 8.12 -27.00 -34.06
CA SER F 114 8.71 -26.26 -32.93
C SER F 114 7.89 -26.48 -31.68
N LEU F 115 8.55 -26.94 -30.62
CA LEU F 115 7.92 -27.30 -29.36
C LEU F 115 8.55 -26.47 -28.25
N VAL F 116 7.77 -26.14 -27.23
CA VAL F 116 8.27 -25.33 -26.13
C VAL F 116 8.02 -26.03 -24.82
N ILE F 117 9.07 -26.07 -23.98
CA ILE F 117 9.01 -26.80 -22.72
C ILE F 117 8.65 -25.83 -21.64
N PHE F 118 7.63 -26.21 -20.85
CA PHE F 118 7.23 -25.42 -19.71
C PHE F 118 7.37 -26.37 -18.54
N ILE F 119 8.28 -26.05 -17.63
CA ILE F 119 8.73 -26.93 -16.60
C ILE F 119 7.98 -26.55 -15.32
N ASN F 120 7.25 -27.52 -14.76
CA ASN F 120 6.51 -27.32 -13.53
C ASN F 120 7.48 -27.29 -12.34
N ASP F 121 7.72 -26.09 -11.81
CA ASP F 121 8.56 -25.93 -10.62
C ASP F 121 8.02 -26.62 -9.37
N LYS F 122 6.70 -26.76 -9.26
CA LYS F 122 6.07 -27.35 -8.07
C LYS F 122 6.47 -28.82 -7.91
N PHE F 123 6.73 -29.50 -9.03
CA PHE F 123 7.21 -30.88 -9.00
C PHE F 123 8.65 -31.00 -8.48
N LYS F 124 9.53 -30.16 -9.00
CA LYS F 124 10.92 -30.11 -8.57
C LYS F 124 11.00 -29.89 -7.06
N GLN F 125 10.32 -28.86 -6.60
CA GLN F 125 10.30 -28.51 -5.17
C GLN F 125 9.64 -29.60 -4.35
N SER F 126 8.64 -30.27 -4.90
CA SER F 126 8.07 -31.49 -4.28
C SER F 126 9.11 -32.67 -3.99
N LEU F 127 9.93 -32.36 -2.97
CA LEU F 127 10.86 -33.27 -2.31
C LEU F 127 10.00 -33.71 -1.06
N GLU F 128 8.72 -33.97 -1.32
CA GLU F 128 7.59 -33.95 -0.36
C GLU F 128 7.86 -33.35 1.04
N LEU G 2 -3.46 -11.45 55.95
CA LEU G 2 -4.57 -12.47 55.86
C LEU G 2 -5.71 -12.17 56.85
N LEU G 3 -6.71 -11.44 56.37
CA LEU G 3 -7.89 -11.06 57.17
C LEU G 3 -9.11 -11.94 56.75
N PRO G 4 -9.56 -12.91 57.62
CA PRO G 4 -10.76 -13.74 57.27
C PRO G 4 -11.98 -12.92 56.84
N TPO G 5 -12.71 -13.40 55.84
CA TPO G 5 -13.78 -12.60 55.23
CB TPO G 5 -14.14 -13.16 53.85
CG2 TPO G 5 -15.27 -12.37 53.18
OG1 TPO G 5 -12.96 -13.13 53.04
P TPO G 5 -12.49 -14.60 52.55
O1P TPO G 5 -11.49 -14.43 51.43
O2P TPO G 5 -11.78 -15.22 53.72
O3P TPO G 5 -13.65 -15.40 51.98
C TPO G 5 -15.00 -12.56 56.14
O TPO G 5 -15.64 -13.61 56.40
N PRO G 6 -15.36 -11.37 56.65
CA PRO G 6 -16.54 -11.26 57.48
C PRO G 6 -17.83 -11.54 56.70
N PRO G 7 -18.69 -12.45 57.20
CA PRO G 7 -20.00 -12.75 56.56
C PRO G 7 -21.02 -11.63 56.76
N LEU G 8 -22.19 -11.71 56.12
CA LEU G 8 -23.13 -10.55 56.08
C LEU G 8 -24.62 -10.83 56.31
N SER G 9 -25.32 -9.79 56.78
CA SER G 9 -26.79 -9.76 56.88
C SER G 9 -27.36 -8.28 56.66
N LEU H 2 10.76 6.62 -1.27
CA LEU H 2 10.71 7.63 -0.15
C LEU H 2 11.91 7.38 0.78
N LEU H 3 13.04 8.06 0.50
CA LEU H 3 14.30 7.82 1.23
C LEU H 3 14.30 8.46 2.62
N PRO H 4 14.70 7.70 3.66
CA PRO H 4 14.89 8.30 4.97
C PRO H 4 15.65 9.63 4.97
N TPO H 5 15.06 10.63 5.63
CA TPO H 5 15.65 11.97 5.84
CB TPO H 5 14.61 12.81 6.57
CG2 TPO H 5 15.09 14.22 6.87
OG1 TPO H 5 13.44 12.90 5.75
P TPO H 5 12.10 12.62 6.60
O1P TPO H 5 12.14 13.54 7.81
O2P TPO H 5 12.28 11.14 6.84
O3P TPO H 5 10.81 12.87 5.83
C TPO H 5 16.90 11.96 6.69
O TPO H 5 16.87 11.51 7.82
N PRO H 6 18.03 12.48 6.16
CA PRO H 6 19.23 12.56 6.99
C PRO H 6 19.17 13.67 8.04
N PRO H 7 19.57 13.38 9.30
CA PRO H 7 19.95 14.40 10.27
C PRO H 7 20.96 15.45 9.80
N LEU H 8 21.09 16.54 10.55
CA LEU H 8 21.85 17.71 10.13
C LEU H 8 22.54 18.47 11.31
N SER H 9 23.67 19.12 10.99
CA SER H 9 24.55 19.81 11.97
C SER H 9 25.13 18.87 13.05
N LEU I 2 16.89 10.54 22.31
CA LEU I 2 16.69 9.92 20.96
C LEU I 2 16.18 8.44 21.12
N LEU I 3 16.92 7.44 20.62
CA LEU I 3 16.42 6.06 20.40
C LEU I 3 15.29 6.08 19.34
N PRO I 4 15.66 6.27 18.02
CA PRO I 4 14.71 6.21 16.84
C PRO I 4 13.75 5.03 16.90
N TPO I 5 12.50 5.26 16.54
CA TPO I 5 11.46 4.27 16.83
CB TPO I 5 10.07 4.91 16.74
CG2 TPO I 5 8.93 3.95 17.10
OG1 TPO I 5 10.01 6.02 17.66
P TPO I 5 9.93 7.47 16.95
O1P TPO I 5 9.72 8.44 18.09
O2P TPO I 5 11.27 7.71 16.25
O3P TPO I 5 8.77 7.41 15.97
C TPO I 5 11.62 3.12 15.86
O TPO I 5 11.66 3.35 14.65
N PRO I 6 11.77 1.87 16.37
CA PRO I 6 11.82 0.74 15.42
C PRO I 6 10.48 0.46 14.69
N PRO I 7 10.53 0.15 13.38
CA PRO I 7 9.28 -0.11 12.68
C PRO I 7 8.81 -1.53 12.95
N LEU I 8 7.61 -1.84 12.46
CA LEU I 8 7.00 -3.17 12.55
C LEU I 8 6.57 -3.60 11.12
N SER I 9 6.02 -4.82 10.97
CA SER I 9 5.47 -5.35 9.69
C SER I 9 6.47 -5.35 8.52
N LEU J 2 -11.96 9.96 -2.53
CA LEU J 2 -11.39 10.06 -3.90
C LEU J 2 -12.48 10.05 -4.97
N LEU J 3 -12.93 11.24 -5.39
CA LEU J 3 -14.04 11.40 -6.37
C LEU J 3 -13.66 10.83 -7.75
N PRO J 4 -14.64 10.19 -8.46
CA PRO J 4 -14.33 9.55 -9.74
C PRO J 4 -14.70 10.44 -10.95
N TPO J 5 -14.08 10.19 -12.12
CA TPO J 5 -14.14 11.12 -13.25
CB TPO J 5 -12.91 10.95 -14.14
CG2 TPO J 5 -12.71 12.09 -15.14
OG1 TPO J 5 -11.76 10.95 -13.30
P TPO J 5 -10.93 9.59 -13.41
O1P TPO J 5 -10.46 9.30 -14.82
O2P TPO J 5 -11.98 8.57 -13.02
O3P TPO J 5 -9.69 9.80 -12.54
C TPO J 5 -15.35 10.86 -14.10
O TPO J 5 -15.51 9.74 -14.58
N PRO J 6 -16.19 11.88 -14.34
CA PRO J 6 -17.35 11.64 -15.21
C PRO J 6 -16.92 11.66 -16.66
N PRO J 7 -17.32 10.63 -17.43
CA PRO J 7 -16.98 10.64 -18.85
C PRO J 7 -17.80 11.65 -19.66
N LEU J 8 -17.13 12.31 -20.59
CA LEU J 8 -17.77 13.15 -21.60
C LEU J 8 -17.25 12.72 -23.00
N SER J 9 -15.94 12.44 -23.06
CA SER J 9 -15.32 11.40 -23.93
C SER J 9 -15.32 11.68 -25.44
N LEU K 3 10.94 -48.41 -40.98
CA LEU K 3 10.62 -47.93 -42.36
C LEU K 3 11.37 -46.60 -42.64
N PRO K 4 12.74 -46.65 -42.82
CA PRO K 4 13.79 -45.58 -42.79
C PRO K 4 13.52 -44.09 -43.15
N TPO K 5 14.54 -43.28 -42.89
CA TPO K 5 14.45 -41.83 -42.76
CB TPO K 5 14.87 -41.50 -41.29
CG2 TPO K 5 14.84 -40.01 -40.98
OG1 TPO K 5 14.09 -42.19 -40.26
P TPO K 5 15.01 -42.77 -39.02
O1P TPO K 5 16.18 -41.82 -38.76
O2P TPO K 5 15.52 -44.13 -39.48
O3P TPO K 5 14.14 -43.08 -37.81
C TPO K 5 15.39 -41.17 -43.77
O TPO K 5 16.59 -41.35 -43.70
N PRO K 6 14.86 -40.41 -44.73
CA PRO K 6 15.71 -39.64 -45.68
C PRO K 6 16.53 -38.49 -45.05
N PRO K 7 17.86 -38.39 -45.34
CA PRO K 7 18.77 -37.25 -44.97
C PRO K 7 18.47 -35.81 -45.46
N LEU K 8 19.42 -34.87 -45.25
CA LEU K 8 19.33 -33.50 -45.77
C LEU K 8 19.25 -33.51 -47.29
N LYS L 1 -20.81 -0.42 -27.72
CA LYS L 1 -20.51 -1.56 -26.82
C LYS L 1 -19.39 -1.02 -25.93
N LEU L 2 -18.47 -1.89 -25.49
CA LEU L 2 -17.36 -1.52 -24.63
C LEU L 2 -17.93 -1.29 -23.24
N LEU L 3 -18.20 -2.40 -22.56
CA LEU L 3 -18.74 -2.39 -21.20
C LEU L 3 -17.64 -1.99 -20.25
N PRO L 4 -17.96 -1.26 -19.19
CA PRO L 4 -16.94 -0.80 -18.25
C PRO L 4 -16.64 -1.90 -17.24
N TPO L 5 -15.55 -1.72 -16.51
CA TPO L 5 -14.99 -2.74 -15.64
CB TPO L 5 -13.47 -2.49 -15.60
CG2 TPO L 5 -12.76 -3.53 -14.74
OG1 TPO L 5 -12.85 -2.55 -16.90
P TPO L 5 -12.32 -1.13 -17.40
O1P TPO L 5 -13.66 -0.55 -17.79
O2P TPO L 5 -11.49 -0.43 -16.34
O3P TPO L 5 -11.42 -1.23 -18.63
C TPO L 5 -15.53 -2.66 -14.22
O TPO L 5 -15.09 -1.80 -13.45
N PRO L 6 -16.44 -3.59 -13.82
CA PRO L 6 -16.92 -3.47 -12.44
C PRO L 6 -15.77 -3.76 -11.47
N PRO L 7 -15.63 -3.00 -10.37
CA PRO L 7 -14.47 -3.16 -9.51
C PRO L 7 -14.68 -4.31 -8.54
N LEU L 8 -13.80 -4.51 -7.55
CA LEU L 8 -13.90 -5.68 -6.65
C LEU L 8 -13.77 -5.43 -5.14
C1 GOL M . 1.68 3.68 31.18
O1 GOL M . 1.76 2.34 31.78
C2 GOL M . 0.57 3.84 30.15
O2 GOL M . 0.44 2.64 29.36
C3 GOL M . -0.81 4.14 30.74
O3 GOL M . -1.49 2.95 31.21
#